data_3K9V
#
_entry.id   3K9V
#
_cell.length_a   182.609
_cell.length_b   81.647
_cell.length_c   108.699
_cell.angle_alpha   90.00
_cell.angle_beta   122.89
_cell.angle_gamma   90.00
#
_symmetry.space_group_name_H-M   'C 1 2 1'
#
loop_
_entity.id
_entity.type
_entity.pdbx_description
1 polymer '1,25-dihydroxyvitamin D(3) 24-hydroxylase, mitochondrial'
2 non-polymer 'PROTOPORPHYRIN IX CONTAINING FE'
3 non-polymer 3-[(3-CHOLAMIDOPROPYL)DIMETHYLAMMONIO]-1-PROPANESULFONATE
4 water water
#
_entity_poly.entity_id   1
_entity_poly.type   'polypeptide(L)'
_entity_poly.pdbx_seq_one_letter_code
;MASRAPKEVPLCPLMTDGETRNVTDLPGPTNWPLLGSLLEIFWKGGLKKQHDTLAEYHKKYGQIFRMKLGSFDSVHLGSP
SLLEALYRTESAHPQRLEIKPWKAYRDHRNEAYGLMILEGQEWQRVRSAFQKKLMKPVEIMKLDKKINEVLADFLERMDE
LCDERGRIPDLYSELNKWSFESICLVLYEKRFGLLQKETEEEALTFITAIKTMMSTFGKMMVTPVELHKRLNTKVWQAHT
LAWDTIFKSVKPCIDNRLQRYSQQPGADFLCDIYQQDHLSKKELYAAVTELQLAAVETTANSLMWILYNLSRNPQAQRRL
LQEVQSVLPDNQTPRAEDLRNMPYLKACLKESMRLTPSVPFTTRTLDKPTVLGEYALPKGTVLTLNTQVLGSSEDNFEDS
HKFRPERWLQKEKKINPFAHLPFGIGKRMCIGRRLAELQLHLALCWIIQKYDIVATDNEPVEMLHLGILVPSRELPIAFR
PR
;
_entity_poly.pdbx_strand_id   A,B
#
loop_
_chem_comp.id
_chem_comp.type
_chem_comp.name
_chem_comp.formula
CPS non-polymer 3-[(3-CHOLAMIDOPROPYL)DIMETHYLAMMONIO]-1-PROPANESULFONATE 'C32 H58 N2 O7 S'
HEM non-polymer 'PROTOPORPHYRIN IX CONTAINING FE' 'C34 H32 Fe N4 O4'
#
# COMPACT_ATOMS: atom_id res chain seq x y z
N GLU A 19 -23.20 10.00 -39.12
CA GLU A 19 -23.21 11.46 -38.79
C GLU A 19 -23.52 11.71 -37.32
N THR A 20 -24.57 11.07 -36.81
CA THR A 20 -25.04 11.31 -35.44
C THR A 20 -26.02 10.26 -34.86
N ARG A 21 -25.73 9.81 -33.64
CA ARG A 21 -26.68 9.03 -32.83
C ARG A 21 -27.24 9.97 -31.75
N ASN A 22 -28.30 9.56 -31.05
CA ASN A 22 -28.90 10.42 -30.02
C ASN A 22 -28.99 9.85 -28.60
N VAL A 23 -29.57 10.62 -27.69
CA VAL A 23 -29.65 10.27 -26.25
C VAL A 23 -30.10 8.85 -25.93
N THR A 24 -30.98 8.30 -26.75
CA THR A 24 -31.52 6.95 -26.53
C THR A 24 -30.47 5.88 -26.82
N ASP A 25 -29.53 6.19 -27.71
CA ASP A 25 -28.49 5.25 -28.11
C ASP A 25 -27.29 5.24 -27.16
N LEU A 26 -27.36 6.03 -26.09
CA LEU A 26 -26.30 6.06 -25.08
C LEU A 26 -26.27 4.79 -24.25
N PRO A 27 -25.06 4.29 -23.98
CA PRO A 27 -24.87 3.15 -23.09
C PRO A 27 -25.06 3.57 -21.63
N GLY A 28 -25.16 2.58 -20.75
CA GLY A 28 -25.29 2.87 -19.34
C GLY A 28 -25.83 1.75 -18.50
N PRO A 29 -25.80 1.93 -17.17
CA PRO A 29 -26.19 0.91 -16.23
C PRO A 29 -27.66 0.57 -16.35
N THR A 30 -28.02 -0.60 -15.83
CA THR A 30 -29.38 -1.05 -15.88
C THR A 30 -30.28 -0.08 -15.13
N ASN A 31 -31.40 0.29 -15.77
CA ASN A 31 -32.41 1.09 -15.13
C ASN A 31 -33.33 0.19 -14.32
N TRP A 32 -32.91 -0.13 -13.10
CA TRP A 32 -33.72 -0.96 -12.22
C TRP A 32 -35.05 -0.34 -11.85
N PRO A 33 -36.09 -1.17 -11.73
CA PRO A 33 -37.45 -0.70 -11.56
C PRO A 33 -37.53 0.34 -10.48
N LEU A 34 -38.18 1.46 -10.79
CA LEU A 34 -38.43 2.55 -9.84
C LEU A 34 -37.18 3.32 -9.40
N LEU A 35 -36.16 2.61 -8.93
CA LEU A 35 -34.98 3.24 -8.34
C LEU A 35 -33.90 3.68 -9.32
N GLY A 36 -33.84 3.04 -10.49
CA GLY A 36 -32.73 3.25 -11.42
C GLY A 36 -31.44 2.79 -10.75
N SER A 37 -30.36 3.54 -10.96
CA SER A 37 -29.07 3.20 -10.37
C SER A 37 -28.99 3.43 -8.86
N LEU A 38 -30.08 3.95 -8.28
CA LEU A 38 -30.17 4.13 -6.82
C LEU A 38 -30.08 2.82 -6.05
N LEU A 39 -30.57 1.74 -6.65
CA LEU A 39 -30.45 0.42 -6.06
C LEU A 39 -28.98 0.02 -5.94
N GLU A 40 -28.23 0.21 -7.03
CA GLU A 40 -26.81 -0.15 -7.05
C GLU A 40 -26.01 0.66 -6.03
N ILE A 41 -26.35 1.93 -5.90
CA ILE A 41 -25.67 2.85 -5.00
C ILE A 41 -25.91 2.50 -3.53
N PHE A 42 -27.15 2.14 -3.20
CA PHE A 42 -27.48 1.69 -1.84
C PHE A 42 -26.84 0.36 -1.46
N TRP A 43 -26.29 -0.35 -2.45
CA TRP A 43 -25.63 -1.62 -2.21
C TRP A 43 -24.12 -1.50 -2.42
N LYS A 44 -23.68 -0.33 -2.90
CA LYS A 44 -22.26 -0.08 -3.16
C LYS A 44 -21.65 0.99 -2.26
N GLY A 45 -22.24 1.20 -1.09
CA GLY A 45 -21.70 2.13 -0.12
C GLY A 45 -22.58 3.33 0.18
N GLY A 46 -23.62 3.54 -0.61
CA GLY A 46 -24.49 4.70 -0.46
C GLY A 46 -24.00 5.91 -1.24
N LEU A 47 -24.63 7.05 -0.97
CA LEU A 47 -24.26 8.31 -1.62
C LEU A 47 -22.86 8.82 -1.26
N LYS A 48 -22.46 8.58 -0.02
CA LYS A 48 -21.07 8.79 0.43
C LYS A 48 -20.00 8.23 -0.55
N LYS A 49 -20.34 7.13 -1.23
CA LYS A 49 -19.40 6.48 -2.12
C LYS A 49 -19.74 6.67 -3.60
N GLN A 50 -20.73 7.51 -3.88
CA GLN A 50 -21.20 7.71 -5.26
C GLN A 50 -20.12 7.90 -6.32
N HIS A 51 -19.03 8.56 -5.92
CA HIS A 51 -17.93 8.87 -6.84
C HIS A 51 -17.17 7.62 -7.26
N ASP A 52 -17.05 6.67 -6.34
CA ASP A 52 -16.42 5.37 -6.64
C ASP A 52 -17.25 4.62 -7.67
N THR A 53 -18.57 4.62 -7.48
CA THR A 53 -19.50 4.02 -8.42
C THR A 53 -19.46 4.61 -9.84
N LEU A 54 -19.39 5.94 -9.93
CA LEU A 54 -19.33 6.64 -11.24
C LEU A 54 -18.05 6.35 -12.00
N ALA A 55 -16.96 6.17 -11.27
CA ALA A 55 -15.67 5.85 -11.85
C ALA A 55 -15.72 4.42 -12.40
N GLU A 56 -16.37 3.54 -11.64
CA GLU A 56 -16.60 2.17 -12.08
C GLU A 56 -17.39 2.18 -13.40
N TYR A 57 -18.43 3.01 -13.47
CA TYR A 57 -19.26 3.12 -14.67
C TYR A 57 -18.51 3.62 -15.89
N HIS A 58 -17.63 4.60 -15.71
CA HIS A 58 -16.83 5.12 -16.81
C HIS A 58 -15.81 4.07 -17.29
N LYS A 59 -15.43 3.17 -16.39
CA LYS A 59 -14.54 2.06 -16.75
C LYS A 59 -15.30 1.02 -17.57
N LYS A 60 -16.59 0.86 -17.27
CA LYS A 60 -17.43 -0.12 -17.95
C LYS A 60 -17.97 0.36 -19.32
N TYR A 61 -18.60 1.53 -19.32
CA TYR A 61 -19.30 2.01 -20.51
C TYR A 61 -18.56 3.06 -21.31
N GLY A 62 -17.41 3.49 -20.81
CA GLY A 62 -16.60 4.47 -21.52
C GLY A 62 -16.88 5.92 -21.15
N GLN A 63 -16.44 6.82 -22.02
CA GLN A 63 -16.39 8.25 -21.73
C GLN A 63 -17.73 8.97 -21.46
N ILE A 64 -18.81 8.47 -22.05
CA ILE A 64 -20.11 9.11 -21.97
C ILE A 64 -21.18 8.06 -21.72
N PHE A 65 -22.02 8.29 -20.71
CA PHE A 65 -23.08 7.35 -20.41
C PHE A 65 -24.31 8.04 -19.83
N ARG A 66 -25.39 7.28 -19.68
CA ARG A 66 -26.66 7.80 -19.23
C ARG A 66 -27.04 7.07 -17.97
N MET A 67 -27.55 7.80 -16.98
CA MET A 67 -27.92 7.22 -15.70
C MET A 67 -29.14 7.89 -15.09
N LYS A 68 -30.04 7.06 -14.57
CA LYS A 68 -31.20 7.53 -13.85
C LYS A 68 -31.04 7.20 -12.37
N LEU A 69 -31.36 8.17 -11.52
CA LEU A 69 -31.47 7.94 -10.09
C LEU A 69 -32.88 8.39 -9.75
N GLY A 70 -33.80 7.43 -9.64
CA GLY A 70 -35.22 7.74 -9.59
C GLY A 70 -35.54 8.47 -10.89
N SER A 71 -36.40 9.48 -10.81
CA SER A 71 -36.73 10.29 -11.99
C SER A 71 -35.59 11.21 -12.43
N PHE A 72 -34.50 11.21 -11.69
CA PHE A 72 -33.36 12.06 -12.04
C PHE A 72 -32.46 11.41 -13.09
N ASP A 73 -32.51 11.98 -14.29
CA ASP A 73 -31.93 11.40 -15.47
C ASP A 73 -30.79 12.32 -15.88
N SER A 74 -29.60 11.76 -16.07
CA SER A 74 -28.44 12.57 -16.44
C SER A 74 -27.43 11.86 -17.35
N VAL A 75 -26.70 12.64 -18.15
CA VAL A 75 -25.58 12.08 -18.92
C VAL A 75 -24.22 12.56 -18.44
N HIS A 76 -23.33 11.61 -18.21
CA HIS A 76 -22.08 11.87 -17.56
C HIS A 76 -20.98 11.97 -18.58
N LEU A 77 -20.11 12.97 -18.40
CA LEU A 77 -19.00 13.21 -19.28
C LEU A 77 -17.74 12.97 -18.47
N GLY A 78 -16.89 12.07 -18.96
CA GLY A 78 -15.72 11.64 -18.20
C GLY A 78 -14.44 11.49 -18.98
N SER A 79 -14.21 12.39 -19.94
CA SER A 79 -13.00 12.36 -20.75
C SER A 79 -12.62 13.77 -21.15
N PRO A 80 -11.31 14.00 -21.33
CA PRO A 80 -10.81 15.31 -21.72
C PRO A 80 -11.39 15.84 -23.02
N SER A 81 -11.61 14.96 -23.99
CA SER A 81 -12.06 15.39 -25.29
C SER A 81 -13.51 15.91 -25.20
N LEU A 82 -14.34 15.18 -24.45
CA LEU A 82 -15.73 15.58 -24.22
C LEU A 82 -15.86 16.94 -23.54
N LEU A 83 -15.02 17.20 -22.54
CA LEU A 83 -15.05 18.47 -21.82
C LEU A 83 -14.48 19.60 -22.67
N GLU A 84 -13.58 19.25 -23.60
CA GLU A 84 -13.14 20.22 -24.60
C GLU A 84 -14.31 20.58 -25.52
N ALA A 85 -14.99 19.57 -26.03
CA ALA A 85 -16.11 19.79 -26.94
C ALA A 85 -17.19 20.63 -26.28
N LEU A 86 -17.48 20.35 -25.01
CA LEU A 86 -18.49 21.07 -24.28
C LEU A 86 -18.10 22.53 -24.10
N TYR A 87 -16.82 22.76 -23.81
CA TYR A 87 -16.30 24.11 -23.66
C TYR A 87 -16.40 24.94 -24.95
N ARG A 88 -15.90 24.40 -26.07
CA ARG A 88 -15.89 25.12 -27.36
C ARG A 88 -17.27 25.60 -27.81
N THR A 89 -18.31 24.95 -27.32
CA THR A 89 -19.67 25.24 -27.76
C THR A 89 -20.63 25.82 -26.68
N GLU A 90 -20.08 26.20 -25.52
CA GLU A 90 -20.91 26.53 -24.36
C GLU A 90 -21.74 27.81 -24.52
N SER A 91 -22.85 27.87 -23.80
CA SER A 91 -23.66 29.07 -23.70
C SER A 91 -22.85 30.26 -23.17
N ALA A 92 -23.25 31.47 -23.56
CA ALA A 92 -22.67 32.69 -23.00
C ALA A 92 -23.00 32.81 -21.50
N HIS A 93 -24.07 32.15 -21.08
CA HIS A 93 -24.46 32.10 -19.67
C HIS A 93 -24.72 30.65 -19.29
N PRO A 94 -23.65 29.91 -18.96
CA PRO A 94 -23.77 28.52 -18.57
C PRO A 94 -24.56 28.37 -17.27
N GLN A 95 -25.28 27.26 -17.15
CA GLN A 95 -26.20 27.05 -16.05
C GLN A 95 -25.97 25.71 -15.35
N ARG A 96 -25.86 25.73 -14.03
CA ARG A 96 -25.78 24.51 -13.24
C ARG A 96 -27.19 24.09 -12.82
N LEU A 97 -27.28 23.02 -12.05
CA LEU A 97 -28.53 22.59 -11.45
C LEU A 97 -29.02 23.60 -10.42
N GLU A 98 -30.32 23.88 -10.43
CA GLU A 98 -30.89 24.89 -9.56
C GLU A 98 -30.81 24.49 -8.09
N ILE A 99 -30.50 25.46 -7.25
CA ILE A 99 -30.58 25.28 -5.80
C ILE A 99 -31.81 26.05 -5.29
N LYS A 100 -32.96 25.37 -5.31
CA LYS A 100 -34.24 26.01 -5.01
C LYS A 100 -34.40 26.68 -3.64
N PRO A 101 -33.94 26.03 -2.56
CA PRO A 101 -34.11 26.57 -1.21
C PRO A 101 -33.45 27.93 -0.97
N TRP A 102 -32.27 28.13 -1.53
CA TRP A 102 -31.56 29.41 -1.39
C TRP A 102 -32.34 30.51 -2.08
N LYS A 103 -32.82 30.23 -3.30
CA LYS A 103 -33.59 31.21 -4.06
C LYS A 103 -34.91 31.54 -3.32
N ALA A 104 -35.57 30.50 -2.81
CA ALA A 104 -36.83 30.67 -2.09
C ALA A 104 -36.65 31.60 -0.89
N TYR A 105 -35.52 31.46 -0.20
CA TYR A 105 -35.23 32.30 0.94
C TYR A 105 -35.04 33.77 0.51
N ARG A 106 -34.21 34.00 -0.51
CA ARG A 106 -34.00 35.37 -1.04
C ARG A 106 -35.30 36.01 -1.48
N ASP A 107 -36.13 35.27 -2.21
CA ASP A 107 -37.44 35.77 -2.66
C ASP A 107 -38.32 36.14 -1.47
N HIS A 108 -38.30 35.29 -0.44
CA HIS A 108 -39.14 35.45 0.71
C HIS A 108 -38.75 36.70 1.51
N ARG A 109 -37.45 36.99 1.52
CA ARG A 109 -36.91 38.05 2.34
C ARG A 109 -36.46 39.25 1.51
N ASN A 110 -36.75 39.22 0.22
CA ASN A 110 -36.31 40.27 -0.71
C ASN A 110 -34.80 40.59 -0.68
N GLU A 111 -33.99 39.54 -0.65
CA GLU A 111 -32.54 39.69 -0.82
C GLU A 111 -32.19 39.36 -2.29
N ALA A 112 -31.02 39.80 -2.73
CA ALA A 112 -30.54 39.48 -4.07
C ALA A 112 -29.99 38.06 -4.15
N TYR A 113 -29.80 37.57 -5.38
CA TYR A 113 -29.13 36.30 -5.60
C TYR A 113 -27.64 36.56 -5.76
N GLY A 114 -26.83 35.58 -5.38
CA GLY A 114 -25.39 35.63 -5.65
C GLY A 114 -25.00 34.77 -6.85
N LEU A 115 -23.71 34.67 -7.11
CA LEU A 115 -23.18 34.00 -8.30
C LEU A 115 -23.58 32.54 -8.45
N MET A 116 -23.79 31.86 -7.33
CA MET A 116 -24.16 30.43 -7.36
C MET A 116 -25.58 30.17 -7.83
N ILE A 117 -26.45 31.18 -7.73
CA ILE A 117 -27.87 30.99 -8.09
C ILE A 117 -28.41 31.96 -9.14
N LEU A 118 -27.64 33.01 -9.44
CA LEU A 118 -27.95 33.89 -10.58
C LEU A 118 -27.97 33.11 -11.92
N GLU A 119 -28.72 33.63 -12.89
CA GLU A 119 -28.70 33.10 -14.27
C GLU A 119 -28.68 34.24 -15.30
N GLY A 120 -28.51 33.89 -16.57
CA GLY A 120 -28.66 34.83 -17.68
C GLY A 120 -27.74 36.03 -17.64
N GLN A 121 -28.23 37.15 -18.16
CA GLN A 121 -27.48 38.41 -18.16
C GLN A 121 -27.25 38.94 -16.73
N GLU A 122 -28.16 38.59 -15.82
CA GLU A 122 -28.07 38.98 -14.42
C GLU A 122 -26.80 38.36 -13.79
N TRP A 123 -26.55 37.08 -14.10
CA TRP A 123 -25.31 36.41 -13.70
C TRP A 123 -24.07 37.04 -14.33
N GLN A 124 -24.12 37.28 -15.64
CA GLN A 124 -22.98 37.84 -16.39
C GLN A 124 -22.56 39.19 -15.84
N ARG A 125 -23.55 40.01 -15.49
CA ARG A 125 -23.33 41.34 -14.93
C ARG A 125 -22.51 41.29 -13.62
N VAL A 126 -22.95 40.45 -12.69
CA VAL A 126 -22.25 40.28 -11.42
C VAL A 126 -20.91 39.59 -11.64
N ARG A 127 -20.89 38.58 -12.51
CA ARG A 127 -19.67 37.81 -12.76
C ARG A 127 -18.56 38.69 -13.26
N SER A 128 -18.81 39.44 -14.34
CA SER A 128 -17.80 40.36 -14.88
C SER A 128 -17.23 41.29 -13.84
N ALA A 129 -18.10 41.86 -13.01
CA ALA A 129 -17.69 42.85 -12.03
C ALA A 129 -16.71 42.25 -11.03
N PHE A 130 -17.02 41.05 -10.54
CA PHE A 130 -16.19 40.40 -9.54
C PHE A 130 -14.96 39.73 -10.12
N GLN A 131 -15.14 39.16 -11.32
CA GLN A 131 -14.07 38.44 -11.98
C GLN A 131 -12.82 39.31 -12.21
N LYS A 132 -13.04 40.57 -12.56
CA LYS A 132 -11.94 41.51 -12.80
C LYS A 132 -11.13 41.88 -11.58
N LYS A 133 -11.71 41.62 -10.40
CA LYS A 133 -11.02 41.83 -9.15
C LYS A 133 -10.38 40.51 -8.71
N LEU A 134 -11.17 39.44 -8.70
CA LEU A 134 -10.75 38.17 -8.11
C LEU A 134 -9.80 37.35 -8.96
N MET A 135 -9.98 37.41 -10.28
CA MET A 135 -9.16 36.61 -11.17
C MET A 135 -8.09 37.41 -11.88
N LYS A 136 -7.48 38.36 -11.17
CA LYS A 136 -6.39 39.18 -11.70
C LYS A 136 -5.19 39.00 -10.79
N PRO A 137 -4.12 38.36 -11.31
CA PRO A 137 -2.95 38.03 -10.51
C PRO A 137 -2.41 39.26 -9.81
N VAL A 138 -2.26 40.35 -10.55
CA VAL A 138 -1.68 41.59 -10.03
C VAL A 138 -2.42 42.09 -8.77
N GLU A 139 -3.75 42.03 -8.82
CA GLU A 139 -4.57 42.44 -7.68
C GLU A 139 -4.56 41.40 -6.57
N ILE A 140 -4.68 40.13 -6.95
CA ILE A 140 -4.65 39.03 -5.98
C ILE A 140 -3.35 39.00 -5.15
N MET A 141 -2.21 39.20 -5.80
CA MET A 141 -0.90 39.18 -5.11
C MET A 141 -0.80 40.22 -4.00
N LYS A 142 -1.62 41.26 -4.10
CA LYS A 142 -1.69 42.32 -3.10
C LYS A 142 -2.25 41.81 -1.76
N LEU A 143 -2.95 40.68 -1.80
CA LEU A 143 -3.56 40.09 -0.61
C LEU A 143 -2.56 39.35 0.31
N ASP A 144 -1.38 39.05 -0.22
CA ASP A 144 -0.40 38.20 0.49
C ASP A 144 -0.03 38.65 1.92
N LYS A 145 0.06 39.96 2.12
CA LYS A 145 0.34 40.51 3.43
C LYS A 145 -0.75 40.09 4.40
N LYS A 146 -2.00 40.25 3.98
CA LYS A 146 -3.15 39.82 4.77
C LYS A 146 -3.12 38.31 5.04
N ILE A 147 -2.90 37.53 3.99
CA ILE A 147 -2.85 36.08 4.11
C ILE A 147 -1.73 35.63 5.09
N ASN A 148 -0.56 36.26 4.99
CA ASN A 148 0.55 35.97 5.91
C ASN A 148 0.28 36.35 7.35
N GLU A 149 -0.52 37.38 7.57
CA GLU A 149 -0.89 37.77 8.94
C GLU A 149 -1.73 36.68 9.59
N VAL A 150 -2.61 36.07 8.81
CA VAL A 150 -3.47 35.01 9.31
C VAL A 150 -2.71 33.67 9.49
N LEU A 151 -1.82 33.37 8.54
CA LEU A 151 -0.96 32.18 8.64
C LEU A 151 -0.03 32.24 9.83
N ALA A 152 0.56 33.41 10.04
CA ALA A 152 1.44 33.64 11.17
C ALA A 152 0.72 33.26 12.44
N ASP A 153 -0.49 33.76 12.61
CA ASP A 153 -1.30 33.46 13.78
C ASP A 153 -1.66 31.97 13.85
N PHE A 154 -2.01 31.39 12.71
CA PHE A 154 -2.41 29.98 12.65
C PHE A 154 -1.28 29.04 13.09
N LEU A 155 -0.07 29.29 12.57
CA LEU A 155 1.11 28.56 12.97
C LEU A 155 1.35 28.68 14.46
N GLU A 156 1.25 29.90 14.98
CA GLU A 156 1.36 30.12 16.42
C GLU A 156 0.36 29.27 17.19
N ARG A 157 -0.88 29.19 16.70
CA ARG A 157 -1.90 28.40 17.37
C ARG A 157 -1.62 26.91 17.20
N MET A 158 -1.07 26.54 16.05
CA MET A 158 -0.73 25.16 15.76
C MET A 158 0.13 24.50 16.84
N ASP A 159 1.23 25.15 17.21
CA ASP A 159 2.13 24.57 18.21
C ASP A 159 1.56 24.59 19.64
N GLU A 160 0.34 25.12 19.78
CA GLU A 160 -0.39 25.05 21.04
C GLU A 160 -1.31 23.84 21.02
N LEU A 161 -1.87 23.56 19.85
CA LEU A 161 -2.82 22.46 19.70
C LEU A 161 -2.13 21.10 19.57
N CYS A 162 -0.96 21.09 18.95
CA CYS A 162 -0.14 19.88 18.84
C CYS A 162 -0.01 19.16 20.16
N ASP A 163 -0.35 17.87 20.16
CA ASP A 163 -0.19 17.05 21.36
C ASP A 163 1.27 16.61 21.53
N GLU A 164 1.49 15.62 22.39
CA GLU A 164 2.83 15.12 22.68
C GLU A 164 3.61 14.72 21.40
N ARG A 165 2.96 13.94 20.55
CA ARG A 165 3.60 13.43 19.34
C ARG A 165 3.32 14.25 18.05
N GLY A 166 2.88 15.50 18.22
CA GLY A 166 2.70 16.42 17.11
C GLY A 166 1.38 16.36 16.35
N ARG A 167 0.42 15.61 16.88
CA ARG A 167 -0.89 15.46 16.25
C ARG A 167 -1.85 16.53 16.70
N ILE A 168 -2.60 17.08 15.74
CA ILE A 168 -3.62 18.06 16.04
C ILE A 168 -4.99 17.39 16.04
N PRO A 169 -5.67 17.41 17.19
CA PRO A 169 -7.02 16.86 17.28
C PRO A 169 -8.02 17.68 16.47
N ASP A 170 -8.89 17.00 15.72
CA ASP A 170 -9.82 17.64 14.79
C ASP A 170 -9.14 18.65 13.85
N LEU A 171 -8.19 18.15 13.06
CA LEU A 171 -7.43 18.99 12.14
C LEU A 171 -8.31 19.69 11.10
N TYR A 172 -9.29 18.97 10.57
CA TYR A 172 -10.19 19.52 9.57
C TYR A 172 -10.87 20.76 10.09
N SER A 173 -11.37 20.68 11.32
CA SER A 173 -12.03 21.80 11.97
C SER A 173 -11.10 22.99 12.12
N GLU A 174 -9.85 22.71 12.49
CA GLU A 174 -8.85 23.76 12.68
C GLU A 174 -8.42 24.38 11.36
N LEU A 175 -8.26 23.54 10.34
CA LEU A 175 -7.99 24.01 9.01
C LEU A 175 -9.13 24.91 8.52
N ASN A 176 -10.36 24.58 8.91
CA ASN A 176 -11.52 25.42 8.58
C ASN A 176 -11.48 26.79 9.28
N LYS A 177 -11.04 26.79 10.54
CA LYS A 177 -10.92 28.02 11.30
C LYS A 177 -9.97 28.95 10.56
N TRP A 178 -8.83 28.42 10.10
CA TRP A 178 -7.86 29.20 9.33
C TRP A 178 -8.48 29.77 8.04
N SER A 179 -9.12 28.89 7.28
CA SER A 179 -9.75 29.24 6.02
C SER A 179 -10.80 30.34 6.21
N PHE A 180 -11.64 30.17 7.22
CA PHE A 180 -12.66 31.14 7.54
C PHE A 180 -12.03 32.49 7.89
N GLU A 181 -11.04 32.47 8.78
CA GLU A 181 -10.40 33.70 9.23
C GLU A 181 -9.69 34.38 8.08
N SER A 182 -9.09 33.57 7.20
CA SER A 182 -8.33 34.08 6.08
C SER A 182 -9.24 34.80 5.08
N ILE A 183 -10.28 34.12 4.58
CA ILE A 183 -11.19 34.71 3.60
C ILE A 183 -12.06 35.85 4.13
N CYS A 184 -12.32 35.86 5.44
CA CYS A 184 -13.07 36.96 6.05
C CYS A 184 -12.25 38.25 6.16
N LEU A 185 -10.93 38.11 6.28
CA LEU A 185 -10.03 39.26 6.30
C LEU A 185 -10.03 39.84 4.91
N VAL A 186 -9.97 38.96 3.92
CA VAL A 186 -9.97 39.37 2.53
C VAL A 186 -11.29 40.04 2.15
N LEU A 187 -12.41 39.39 2.50
CA LEU A 187 -13.73 39.87 2.15
C LEU A 187 -14.25 41.07 2.95
N TYR A 188 -13.94 41.12 4.24
CA TYR A 188 -14.52 42.12 5.13
C TYR A 188 -13.52 43.01 5.86
N GLU A 189 -12.23 42.84 5.56
CA GLU A 189 -11.17 43.65 6.20
C GLU A 189 -11.21 43.58 7.72
N LYS A 190 -11.77 42.50 8.26
CA LYS A 190 -11.94 42.35 9.69
C LYS A 190 -11.37 41.02 10.17
N ARG A 191 -10.88 41.00 11.39
CA ARG A 191 -10.47 39.75 12.05
C ARG A 191 -11.59 39.26 12.94
N PHE A 192 -12.05 38.04 12.69
CA PHE A 192 -13.16 37.47 13.45
C PHE A 192 -12.69 36.79 14.73
N GLY A 193 -11.39 36.57 14.84
CA GLY A 193 -10.79 36.07 16.06
C GLY A 193 -10.99 34.59 16.30
N LEU A 194 -10.98 33.81 15.23
CA LEU A 194 -11.16 32.36 15.32
C LEU A 194 -9.91 31.68 15.89
N LEU A 195 -8.77 32.33 15.73
CA LEU A 195 -7.48 31.73 16.05
C LEU A 195 -6.95 32.00 17.47
N GLN A 196 -7.36 33.12 18.07
CA GLN A 196 -7.00 33.39 19.46
C GLN A 196 -8.16 32.98 20.34
N LYS A 197 -7.91 32.07 21.27
CA LYS A 197 -8.93 31.73 22.28
C LYS A 197 -9.19 33.01 23.11
N GLU A 198 -10.30 33.04 23.82
CA GLU A 198 -10.77 34.25 24.50
C GLU A 198 -11.53 35.16 23.53
N THR A 199 -11.10 35.15 22.26
CA THR A 199 -11.82 35.89 21.22
C THR A 199 -12.62 34.92 20.33
N GLU A 200 -12.75 33.68 20.78
CA GLU A 200 -13.47 32.66 20.01
C GLU A 200 -14.98 32.84 19.86
N GLU A 201 -15.63 33.37 20.90
CA GLU A 201 -17.11 33.45 20.93
C GLU A 201 -17.69 34.73 20.28
N GLU A 202 -17.00 35.27 19.29
CA GLU A 202 -17.47 36.48 18.61
C GLU A 202 -18.25 36.13 17.35
N ALA A 203 -17.65 35.28 16.51
CA ALA A 203 -18.27 34.84 15.28
C ALA A 203 -19.11 33.58 15.51
N LEU A 204 -19.19 33.16 16.77
CA LEU A 204 -19.84 31.90 17.13
C LEU A 204 -21.25 31.71 16.54
N THR A 205 -22.12 32.71 16.73
CA THR A 205 -23.48 32.61 16.22
C THR A 205 -23.53 32.65 14.68
N PHE A 206 -22.64 33.43 14.09
CA PHE A 206 -22.47 33.46 12.63
C PHE A 206 -22.10 32.08 12.05
N ILE A 207 -21.12 31.43 12.68
CA ILE A 207 -20.61 30.15 12.19
C ILE A 207 -21.58 28.99 12.42
N THR A 208 -22.26 29.02 13.55
CA THR A 208 -23.33 28.07 13.85
C THR A 208 -24.48 28.24 12.86
N ALA A 209 -24.82 29.49 12.55
CA ALA A 209 -25.83 29.75 11.53
C ALA A 209 -25.44 29.15 10.16
N ILE A 210 -24.18 29.30 9.78
CA ILE A 210 -23.68 28.68 8.54
C ILE A 210 -23.85 27.15 8.58
N LYS A 211 -23.45 26.53 9.69
CA LYS A 211 -23.63 25.07 9.87
C LYS A 211 -25.09 24.66 9.80
N THR A 212 -25.95 25.34 10.54
CA THR A 212 -27.38 25.07 10.51
C THR A 212 -27.91 25.18 9.09
N MET A 213 -27.51 26.23 8.39
CA MET A 213 -27.97 26.44 7.03
C MET A 213 -27.54 25.27 6.15
N MET A 214 -26.27 24.91 6.24
CA MET A 214 -25.70 23.85 5.40
C MET A 214 -26.35 22.48 5.62
N SER A 215 -26.77 22.20 6.85
CA SER A 215 -27.32 20.90 7.14
C SER A 215 -28.84 20.87 6.98
N THR A 216 -29.39 21.90 6.37
CA THR A 216 -30.84 22.04 6.33
C THR A 216 -31.42 22.23 4.94
N PHE A 217 -30.71 22.94 4.08
CA PHE A 217 -31.21 23.21 2.72
C PHE A 217 -31.34 21.93 1.87
N GLY A 218 -30.53 20.92 2.20
CA GLY A 218 -30.57 19.64 1.51
C GLY A 218 -31.87 18.87 1.75
N LYS A 219 -32.49 19.10 2.89
CA LYS A 219 -33.77 18.50 3.21
C LYS A 219 -34.95 19.15 2.49
N MET A 220 -34.68 20.21 1.73
CA MET A 220 -35.74 20.90 0.97
C MET A 220 -35.52 20.84 -0.53
N MET A 221 -34.72 19.86 -0.96
CA MET A 221 -34.41 19.72 -2.38
C MET A 221 -35.17 18.59 -3.07
N VAL A 222 -35.64 17.61 -2.28
CA VAL A 222 -36.54 16.60 -2.81
C VAL A 222 -37.98 17.04 -2.53
N THR A 223 -38.32 17.17 -1.25
CA THR A 223 -39.56 17.81 -0.84
C THR A 223 -39.46 19.26 -1.31
N PRO A 224 -40.44 19.72 -2.09
CA PRO A 224 -40.38 21.05 -2.69
C PRO A 224 -40.39 22.14 -1.63
N VAL A 225 -39.52 23.13 -1.82
CA VAL A 225 -39.33 24.18 -0.85
C VAL A 225 -40.62 25.01 -0.71
N GLU A 226 -41.36 25.14 -1.81
CA GLU A 226 -42.65 25.84 -1.82
C GLU A 226 -43.61 25.26 -0.80
N LEU A 227 -43.62 23.93 -0.67
CA LEU A 227 -44.49 23.25 0.28
C LEU A 227 -44.05 23.41 1.74
N HIS A 228 -42.75 23.32 1.98
CA HIS A 228 -42.15 23.61 3.29
C HIS A 228 -42.54 25.01 3.77
N LYS A 229 -42.46 25.97 2.87
CA LYS A 229 -42.89 27.33 3.14
C LYS A 229 -44.38 27.39 3.48
N ARG A 230 -45.21 26.82 2.61
CA ARG A 230 -46.66 26.87 2.78
C ARG A 230 -47.10 26.26 4.11
N LEU A 231 -46.47 25.16 4.49
CA LEU A 231 -46.82 24.44 5.72
C LEU A 231 -46.07 24.99 6.94
N ASN A 232 -45.16 25.93 6.69
CA ASN A 232 -44.29 26.47 7.74
C ASN A 232 -43.62 25.40 8.59
N THR A 233 -42.92 24.47 7.93
CA THR A 233 -42.25 23.37 8.63
C THR A 233 -41.05 23.83 9.46
N LYS A 234 -40.58 22.96 10.34
CA LYS A 234 -39.45 23.22 11.22
C LYS A 234 -38.18 23.42 10.43
N VAL A 235 -38.05 22.71 9.32
CA VAL A 235 -36.89 22.83 8.47
C VAL A 235 -36.91 24.20 7.78
N TRP A 236 -38.06 24.58 7.25
CA TRP A 236 -38.24 25.90 6.66
C TRP A 236 -37.87 27.00 7.67
N GLN A 237 -38.32 26.83 8.91
CA GLN A 237 -38.09 27.82 9.95
C GLN A 237 -36.61 27.90 10.27
N ALA A 238 -35.98 26.75 10.53
CA ALA A 238 -34.56 26.72 10.86
C ALA A 238 -33.69 27.30 9.72
N HIS A 239 -34.03 26.97 8.48
CA HIS A 239 -33.32 27.48 7.30
C HIS A 239 -33.43 29.00 7.16
N THR A 240 -34.64 29.53 7.39
CA THR A 240 -34.87 30.97 7.31
C THR A 240 -34.13 31.75 8.42
N LEU A 241 -34.19 31.23 9.64
CA LEU A 241 -33.47 31.85 10.76
C LEU A 241 -31.96 31.85 10.52
N ALA A 242 -31.43 30.75 10.02
CA ALA A 242 -30.00 30.63 9.76
C ALA A 242 -29.53 31.64 8.71
N TRP A 243 -30.26 31.75 7.60
CA TRP A 243 -29.95 32.74 6.58
C TRP A 243 -30.10 34.19 7.05
N ASP A 244 -31.14 34.47 7.83
CA ASP A 244 -31.34 35.78 8.46
C ASP A 244 -30.09 36.21 9.26
N THR A 245 -29.61 35.29 10.11
CA THR A 245 -28.42 35.51 10.91
C THR A 245 -27.18 35.74 10.06
N ILE A 246 -27.03 34.96 8.99
CA ILE A 246 -25.90 35.13 8.07
C ILE A 246 -25.93 36.54 7.45
N PHE A 247 -27.10 36.95 6.95
CA PHE A 247 -27.25 38.27 6.34
C PHE A 247 -27.04 39.40 7.35
N LYS A 248 -27.59 39.23 8.55
CA LYS A 248 -27.44 40.23 9.61
C LYS A 248 -25.99 40.39 10.08
N SER A 249 -25.17 39.37 9.87
CA SER A 249 -23.75 39.43 10.25
C SER A 249 -22.87 40.06 9.15
N VAL A 250 -23.24 39.81 7.91
CA VAL A 250 -22.45 40.24 6.77
C VAL A 250 -22.65 41.75 6.46
N LYS A 251 -23.90 42.20 6.53
CA LYS A 251 -24.25 43.57 6.12
C LYS A 251 -23.42 44.71 6.73
N PRO A 252 -23.26 44.74 8.06
CA PRO A 252 -22.49 45.79 8.70
C PRO A 252 -21.02 45.83 8.25
N CYS A 253 -20.43 44.65 8.04
CA CYS A 253 -19.06 44.55 7.56
C CYS A 253 -18.91 45.19 6.18
N ILE A 254 -19.84 44.89 5.30
CA ILE A 254 -19.79 45.39 3.94
C ILE A 254 -20.08 46.89 3.91
N ASP A 255 -21.07 47.32 4.71
CA ASP A 255 -21.39 48.72 4.88
C ASP A 255 -20.19 49.51 5.38
N ASN A 256 -19.50 49.01 6.39
CA ASN A 256 -18.34 49.71 6.98
C ASN A 256 -17.20 49.82 5.97
N ARG A 257 -17.00 48.77 5.17
CA ARG A 257 -15.96 48.76 4.17
C ARG A 257 -16.30 49.75 3.05
N LEU A 258 -17.56 49.76 2.65
CA LEU A 258 -18.08 50.71 1.66
C LEU A 258 -17.92 52.17 2.10
N GLN A 259 -18.22 52.44 3.36
CA GLN A 259 -18.13 53.77 3.93
C GLN A 259 -16.67 54.23 3.98
N ARG A 260 -15.79 53.35 4.48
CA ARG A 260 -14.36 53.64 4.63
C ARG A 260 -13.65 54.19 3.38
N TYR A 261 -14.00 53.66 2.21
CA TYR A 261 -13.34 54.06 0.97
C TYR A 261 -14.20 54.88 0.01
N SER A 262 -15.32 55.40 0.52
CA SER A 262 -16.29 56.12 -0.34
C SER A 262 -15.67 57.34 -1.05
N GLN A 263 -14.58 57.86 -0.49
CA GLN A 263 -13.89 59.00 -1.09
C GLN A 263 -12.49 58.66 -1.63
N GLN A 264 -12.24 57.38 -1.86
CA GLN A 264 -10.96 56.91 -2.41
C GLN A 264 -11.16 55.92 -3.56
N PRO A 265 -11.48 56.42 -4.77
CA PRO A 265 -11.65 55.55 -5.93
C PRO A 265 -10.33 54.85 -6.26
N GLY A 266 -10.40 53.56 -6.54
CA GLY A 266 -9.20 52.78 -6.86
C GLY A 266 -8.46 52.16 -5.67
N ALA A 267 -8.85 52.51 -4.45
CA ALA A 267 -8.17 51.99 -3.27
C ALA A 267 -8.72 50.63 -2.77
N ASP A 268 -9.94 50.28 -3.20
CA ASP A 268 -10.62 49.09 -2.69
C ASP A 268 -11.50 48.40 -3.75
N PHE A 269 -11.32 47.10 -3.91
CA PHE A 269 -12.04 46.35 -4.95
C PHE A 269 -13.56 46.40 -4.80
N LEU A 270 -14.02 46.51 -3.57
CA LEU A 270 -15.46 46.47 -3.27
C LEU A 270 -16.15 47.79 -3.50
N CYS A 271 -15.55 48.88 -3.03
CA CYS A 271 -16.03 50.23 -3.35
C CYS A 271 -16.08 50.48 -4.84
N ASP A 272 -14.99 50.14 -5.54
CA ASP A 272 -14.94 50.29 -6.99
C ASP A 272 -16.10 49.56 -7.67
N ILE A 273 -16.37 48.33 -7.25
CA ILE A 273 -17.51 47.59 -7.78
C ILE A 273 -18.82 48.34 -7.51
N TYR A 274 -18.97 48.83 -6.28
CA TYR A 274 -20.15 49.57 -5.86
C TYR A 274 -20.31 50.89 -6.63
N GLN A 275 -19.21 51.63 -6.76
CA GLN A 275 -19.25 52.96 -7.34
C GLN A 275 -19.19 52.99 -8.86
N GLN A 276 -18.57 51.97 -9.46
CA GLN A 276 -18.27 51.99 -10.89
C GLN A 276 -19.06 50.96 -11.72
N ASP A 277 -19.30 49.78 -11.16
CA ASP A 277 -20.11 48.76 -11.82
C ASP A 277 -21.57 48.86 -11.38
N HIS A 278 -21.81 49.66 -10.34
CA HIS A 278 -23.17 50.04 -9.90
C HIS A 278 -24.02 48.90 -9.39
N LEU A 279 -23.40 47.93 -8.74
CA LEU A 279 -24.12 46.88 -8.03
C LEU A 279 -24.70 47.52 -6.77
N SER A 280 -25.97 47.24 -6.47
CA SER A 280 -26.59 47.75 -5.24
C SER A 280 -25.97 47.07 -4.03
N LYS A 281 -26.11 47.70 -2.86
CA LYS A 281 -25.69 47.10 -1.59
C LYS A 281 -26.33 45.72 -1.39
N LYS A 282 -27.62 45.63 -1.73
CA LYS A 282 -28.35 44.38 -1.68
C LYS A 282 -27.65 43.31 -2.52
N GLU A 283 -27.25 43.71 -3.74
CA GLU A 283 -26.51 42.82 -4.63
C GLU A 283 -25.15 42.41 -4.06
N LEU A 284 -24.47 43.35 -3.42
CA LEU A 284 -23.18 43.06 -2.83
C LEU A 284 -23.29 42.15 -1.63
N TYR A 285 -24.38 42.25 -0.86
CA TYR A 285 -24.57 41.38 0.29
C TYR A 285 -24.63 39.94 -0.17
N ALA A 286 -25.52 39.66 -1.11
CA ALA A 286 -25.66 38.32 -1.66
C ALA A 286 -24.38 37.76 -2.31
N ALA A 287 -23.69 38.59 -3.08
CA ALA A 287 -22.54 38.11 -3.86
C ALA A 287 -21.34 37.79 -2.96
N VAL A 288 -21.01 38.70 -2.05
CA VAL A 288 -19.95 38.50 -1.09
C VAL A 288 -20.27 37.29 -0.18
N THR A 289 -21.52 37.20 0.26
CA THR A 289 -21.96 36.07 1.06
C THR A 289 -21.66 34.72 0.37
N GLU A 290 -22.06 34.60 -0.89
CA GLU A 290 -21.83 33.37 -1.63
C GLU A 290 -20.33 33.11 -1.90
N LEU A 291 -19.55 34.17 -2.03
CA LEU A 291 -18.10 34.04 -2.14
C LEU A 291 -17.54 33.30 -0.93
N GLN A 292 -17.86 33.81 0.26
CA GLN A 292 -17.45 33.20 1.52
C GLN A 292 -17.88 31.74 1.69
N LEU A 293 -19.15 31.46 1.38
CA LEU A 293 -19.69 30.11 1.53
C LEU A 293 -19.00 29.11 0.62
N ALA A 294 -18.67 29.57 -0.58
CA ALA A 294 -17.96 28.74 -1.54
C ALA A 294 -16.49 28.57 -1.18
N ALA A 295 -15.91 29.56 -0.50
CA ALA A 295 -14.46 29.58 -0.25
C ALA A 295 -13.99 28.68 0.88
N VAL A 296 -14.67 28.75 2.02
CA VAL A 296 -14.10 28.28 3.27
C VAL A 296 -13.78 26.78 3.36
N GLU A 297 -14.80 25.94 3.22
CA GLU A 297 -14.61 24.52 3.45
C GLU A 297 -13.77 23.88 2.36
N THR A 298 -14.02 24.30 1.12
CA THR A 298 -13.33 23.72 -0.01
C THR A 298 -11.83 24.02 0.03
N THR A 299 -11.46 25.23 0.46
CA THR A 299 -10.05 25.62 0.56
C THR A 299 -9.34 24.86 1.69
N ALA A 300 -10.01 24.73 2.83
CA ALA A 300 -9.48 23.98 3.95
C ALA A 300 -9.34 22.51 3.56
N ASN A 301 -10.30 22.02 2.77
CA ASN A 301 -10.34 20.64 2.35
C ASN A 301 -9.12 20.32 1.49
N SER A 302 -8.81 21.23 0.57
CA SER A 302 -7.67 21.08 -0.31
C SER A 302 -6.35 21.10 0.43
N LEU A 303 -6.20 22.01 1.39
CA LEU A 303 -5.01 22.06 2.21
C LEU A 303 -4.82 20.71 2.90
N MET A 304 -5.93 20.17 3.40
CA MET A 304 -5.88 18.94 4.12
C MET A 304 -5.37 17.77 3.27
N TRP A 305 -5.93 17.62 2.08
CA TRP A 305 -5.53 16.56 1.17
C TRP A 305 -4.06 16.65 0.75
N ILE A 306 -3.56 17.86 0.50
CA ILE A 306 -2.14 18.02 0.19
C ILE A 306 -1.23 17.68 1.37
N LEU A 307 -1.65 18.05 2.58
CA LEU A 307 -0.91 17.66 3.78
C LEU A 307 -0.85 16.12 3.92
N TYR A 308 -1.95 15.47 3.54
CA TYR A 308 -2.00 14.02 3.61
C TYR A 308 -1.11 13.37 2.54
N ASN A 309 -1.18 13.88 1.32
CA ASN A 309 -0.35 13.36 0.25
C ASN A 309 1.13 13.55 0.55
N LEU A 310 1.46 14.63 1.24
CA LEU A 310 2.83 14.92 1.62
C LEU A 310 3.36 13.90 2.64
N SER A 311 2.55 13.61 3.67
CA SER A 311 2.93 12.63 4.69
C SER A 311 3.11 11.22 4.11
N ARG A 312 2.48 10.97 2.97
CA ARG A 312 2.57 9.67 2.30
C ARG A 312 3.70 9.55 1.29
N ASN A 313 4.37 10.66 0.98
CA ASN A 313 5.38 10.70 -0.08
C ASN A 313 6.60 11.50 0.34
N PRO A 314 7.41 10.92 1.23
CA PRO A 314 8.53 11.63 1.86
C PRO A 314 9.55 12.16 0.85
N GLN A 315 9.76 11.45 -0.24
CA GLN A 315 10.63 11.92 -1.31
C GLN A 315 10.10 13.23 -1.91
N ALA A 316 8.81 13.24 -2.25
CA ALA A 316 8.13 14.45 -2.75
C ALA A 316 8.16 15.57 -1.74
N GLN A 317 8.01 15.23 -0.46
CA GLN A 317 8.05 16.21 0.61
C GLN A 317 9.47 16.77 0.76
N ARG A 318 10.47 15.92 0.57
CA ARG A 318 11.87 16.33 0.60
C ARG A 318 12.22 17.27 -0.55
N ARG A 319 11.84 16.87 -1.76
CA ARG A 319 12.04 17.69 -2.95
C ARG A 319 11.37 19.07 -2.72
N LEU A 320 10.26 19.06 -2.01
CA LEU A 320 9.53 20.29 -1.68
C LEU A 320 10.27 21.13 -0.65
N LEU A 321 10.74 20.49 0.41
CA LEU A 321 11.46 21.19 1.48
C LEU A 321 12.68 21.92 0.93
N GLN A 322 13.42 21.24 0.05
CA GLN A 322 14.57 21.83 -0.63
C GLN A 322 14.23 23.14 -1.32
N GLU A 323 13.10 23.16 -2.04
CA GLU A 323 12.65 24.37 -2.74
C GLU A 323 12.35 25.51 -1.78
N VAL A 324 11.51 25.26 -0.78
CA VAL A 324 11.17 26.28 0.22
C VAL A 324 12.44 26.84 0.88
N GLN A 325 13.28 25.96 1.40
CA GLN A 325 14.54 26.36 2.05
C GLN A 325 15.53 27.08 1.08
N SER A 326 15.53 26.65 -0.17
CA SER A 326 16.35 27.29 -1.21
C SER A 326 15.87 28.70 -1.59
N VAL A 327 14.57 28.83 -1.82
CA VAL A 327 13.97 30.12 -2.19
C VAL A 327 13.72 31.03 -0.97
N LEU A 328 13.72 30.46 0.23
CA LEU A 328 13.53 31.23 1.46
C LEU A 328 14.44 30.81 2.63
N PRO A 329 15.74 31.12 2.54
CA PRO A 329 16.70 30.80 3.62
C PRO A 329 16.30 31.49 4.94
N ASP A 330 16.78 30.93 6.05
CA ASP A 330 16.25 31.26 7.38
C ASP A 330 14.75 30.96 7.44
N ASN A 331 14.01 31.72 8.23
CA ASN A 331 12.56 31.65 8.19
C ASN A 331 11.99 32.94 7.62
N GLN A 332 12.37 33.23 6.39
CA GLN A 332 11.91 34.42 5.71
C GLN A 332 10.42 34.29 5.42
N THR A 333 9.66 35.29 5.84
CA THR A 333 8.25 35.40 5.49
C THR A 333 8.08 35.22 3.97
N PRO A 334 7.25 34.24 3.57
CA PRO A 334 6.92 34.03 2.16
C PRO A 334 6.18 35.22 1.56
N ARG A 335 6.40 35.47 0.27
CA ARG A 335 5.67 36.48 -0.47
C ARG A 335 5.16 35.93 -1.79
N ALA A 336 4.20 36.62 -2.38
CA ALA A 336 3.58 36.18 -3.63
C ALA A 336 4.58 36.08 -4.77
N GLU A 337 5.50 37.03 -4.83
CA GLU A 337 6.53 37.07 -5.88
C GLU A 337 7.51 35.88 -5.79
N ASP A 338 7.73 35.38 -4.58
CA ASP A 338 8.54 34.18 -4.37
C ASP A 338 7.96 32.93 -5.05
N LEU A 339 6.63 32.85 -5.10
CA LEU A 339 5.93 31.71 -5.68
C LEU A 339 6.30 31.46 -7.15
N ARG A 340 6.73 32.51 -7.83
CA ARG A 340 7.22 32.42 -9.21
C ARG A 340 8.37 31.40 -9.29
N ASN A 341 9.22 31.39 -8.27
CA ASN A 341 10.35 30.49 -8.22
C ASN A 341 10.15 29.21 -7.40
N MET A 342 8.93 28.69 -7.42
CA MET A 342 8.64 27.43 -6.75
C MET A 342 7.71 26.61 -7.63
N PRO A 343 8.22 26.19 -8.80
CA PRO A 343 7.45 25.33 -9.69
C PRO A 343 7.05 24.00 -9.05
N TYR A 344 7.86 23.50 -8.12
CA TYR A 344 7.60 22.19 -7.52
C TYR A 344 6.46 22.28 -6.49
N LEU A 345 6.47 23.36 -5.69
CA LEU A 345 5.39 23.63 -4.76
C LEU A 345 4.04 23.67 -5.49
N LYS A 346 3.97 24.44 -6.56
CA LYS A 346 2.75 24.57 -7.35
C LYS A 346 2.33 23.25 -7.96
N ALA A 347 3.32 22.44 -8.33
CA ALA A 347 3.06 21.12 -8.92
C ALA A 347 2.53 20.12 -7.89
N CYS A 348 2.89 20.31 -6.63
CA CYS A 348 2.39 19.45 -5.55
C CYS A 348 0.88 19.61 -5.38
N LEU A 349 0.43 20.87 -5.43
CA LEU A 349 -0.98 21.19 -5.30
C LEU A 349 -1.79 20.58 -6.44
N LYS A 350 -1.28 20.71 -7.66
CA LYS A 350 -1.96 20.18 -8.86
C LYS A 350 -2.08 18.69 -8.76
N GLU A 351 -0.98 18.05 -8.34
CA GLU A 351 -0.93 16.62 -8.19
C GLU A 351 -1.89 16.14 -7.10
N SER A 352 -1.97 16.89 -6.01
CA SER A 352 -2.87 16.57 -4.92
C SER A 352 -4.32 16.66 -5.35
N MET A 353 -4.64 17.70 -6.12
CA MET A 353 -6.00 17.89 -6.64
C MET A 353 -6.40 16.86 -7.69
N ARG A 354 -5.40 16.28 -8.38
CA ARG A 354 -5.67 15.23 -9.36
C ARG A 354 -5.97 13.91 -8.66
N LEU A 355 -5.19 13.60 -7.64
CA LEU A 355 -5.30 12.32 -6.94
C LEU A 355 -6.42 12.34 -5.89
N THR A 356 -6.48 13.41 -5.10
CA THR A 356 -7.50 13.57 -4.07
C THR A 356 -8.26 14.91 -4.15
N PRO A 357 -9.15 15.07 -5.14
CA PRO A 357 -9.86 16.34 -5.34
C PRO A 357 -10.90 16.64 -4.26
N SER A 358 -11.21 17.92 -4.08
CA SER A 358 -12.21 18.33 -3.11
C SER A 358 -13.60 18.21 -3.71
N VAL A 359 -13.74 18.66 -4.96
CA VAL A 359 -15.02 18.66 -5.63
C VAL A 359 -14.98 17.56 -6.70
N PRO A 360 -15.83 16.54 -6.55
CA PRO A 360 -15.83 15.36 -7.44
C PRO A 360 -16.39 15.62 -8.85
N PHE A 361 -17.40 16.47 -8.96
CA PHE A 361 -18.01 16.77 -10.25
C PHE A 361 -18.74 18.11 -10.20
N THR A 362 -19.08 18.63 -11.38
CA THR A 362 -20.03 19.71 -11.47
C THR A 362 -21.13 19.33 -12.42
N THR A 363 -21.92 20.32 -12.83
CA THR A 363 -23.19 20.07 -13.45
C THR A 363 -23.51 21.14 -14.50
N ARG A 364 -24.17 20.75 -15.58
CA ARG A 364 -24.67 21.67 -16.59
C ARG A 364 -26.03 21.26 -17.14
N THR A 365 -26.91 22.23 -17.35
CA THR A 365 -28.12 22.02 -18.12
C THR A 365 -27.89 22.65 -19.50
N LEU A 366 -28.06 21.85 -20.55
CA LEU A 366 -27.87 22.37 -21.92
C LEU A 366 -28.99 23.29 -22.35
N ASP A 367 -28.64 24.48 -22.83
CA ASP A 367 -29.63 25.45 -23.29
C ASP A 367 -29.89 25.46 -24.80
N LYS A 368 -29.28 24.51 -25.52
CA LYS A 368 -29.50 24.35 -26.97
C LYS A 368 -28.90 23.02 -27.45
N PRO A 369 -29.49 22.42 -28.49
CA PRO A 369 -28.99 21.16 -29.06
C PRO A 369 -27.48 21.22 -29.32
N THR A 370 -26.79 20.11 -29.06
CA THR A 370 -25.33 20.08 -29.14
C THR A 370 -24.81 18.65 -29.27
N VAL A 371 -23.73 18.48 -30.02
CA VAL A 371 -23.16 17.16 -30.25
C VAL A 371 -21.92 16.92 -29.38
N LEU A 372 -21.99 15.84 -28.59
CA LEU A 372 -20.88 15.45 -27.71
C LEU A 372 -20.55 14.00 -27.98
N GLY A 373 -19.27 13.73 -28.23
CA GLY A 373 -18.84 12.43 -28.75
C GLY A 373 -19.43 12.33 -30.15
N GLU A 374 -20.10 11.22 -30.42
CA GLU A 374 -20.95 11.11 -31.62
C GLU A 374 -22.41 11.09 -31.19
N TYR A 375 -22.71 11.76 -30.09
CA TYR A 375 -24.07 11.79 -29.56
C TYR A 375 -24.66 13.20 -29.58
N ALA A 376 -25.84 13.31 -30.17
CA ALA A 376 -26.55 14.58 -30.21
C ALA A 376 -27.41 14.65 -28.97
N LEU A 377 -27.25 15.74 -28.23
CA LEU A 377 -27.98 15.94 -27.00
C LEU A 377 -28.90 17.13 -27.18
N PRO A 378 -30.17 16.97 -26.84
CA PRO A 378 -31.17 18.05 -26.97
C PRO A 378 -31.05 19.12 -25.88
N LYS A 379 -31.76 20.23 -26.08
CA LYS A 379 -31.90 21.26 -25.07
C LYS A 379 -32.55 20.65 -23.82
N GLY A 380 -32.09 21.06 -22.65
CA GLY A 380 -32.65 20.58 -21.38
C GLY A 380 -31.98 19.34 -20.79
N THR A 381 -30.95 18.84 -21.48
CA THR A 381 -30.19 17.70 -21.00
C THR A 381 -29.33 18.10 -19.80
N VAL A 382 -29.47 17.35 -18.70
CA VAL A 382 -28.65 17.59 -17.52
C VAL A 382 -27.37 16.78 -17.63
N LEU A 383 -26.24 17.48 -17.64
CA LEU A 383 -24.93 16.86 -17.75
C LEU A 383 -24.19 16.93 -16.43
N THR A 384 -23.58 15.82 -16.04
CA THR A 384 -22.67 15.85 -14.90
C THR A 384 -21.25 15.70 -15.43
N LEU A 385 -20.42 16.70 -15.12
CA LEU A 385 -19.05 16.70 -15.56
C LEU A 385 -18.21 16.06 -14.48
N ASN A 386 -17.91 14.78 -14.67
CA ASN A 386 -17.08 14.07 -13.74
C ASN A 386 -15.64 14.49 -13.91
N THR A 387 -15.24 15.46 -13.10
CA THR A 387 -13.96 16.10 -13.24
C THR A 387 -12.88 15.30 -12.51
N GLN A 388 -13.32 14.45 -11.58
CA GLN A 388 -12.44 13.58 -10.80
C GLN A 388 -11.89 12.44 -11.64
N VAL A 389 -12.77 11.77 -12.36
CA VAL A 389 -12.40 10.60 -13.15
C VAL A 389 -11.30 10.92 -14.18
N LEU A 390 -11.19 12.19 -14.56
CA LEU A 390 -10.13 12.63 -15.46
C LEU A 390 -8.76 12.34 -14.90
N GLY A 391 -8.68 12.24 -13.58
CA GLY A 391 -7.41 12.02 -12.90
C GLY A 391 -6.74 10.69 -13.18
N SER A 392 -7.53 9.70 -13.59
CA SER A 392 -7.00 8.36 -13.80
C SER A 392 -6.84 7.88 -15.25
N SER A 393 -7.00 8.79 -16.23
CA SER A 393 -6.82 8.43 -17.65
C SER A 393 -5.35 8.25 -18.02
N GLU A 394 -5.01 7.06 -18.50
CA GLU A 394 -3.61 6.71 -18.82
C GLU A 394 -3.12 7.45 -20.07
N ASP A 395 -4.06 7.96 -20.86
CA ASP A 395 -3.74 8.82 -22.01
C ASP A 395 -2.98 10.07 -21.57
N ASN A 396 -3.17 10.47 -20.31
CA ASN A 396 -2.57 11.69 -19.77
C ASN A 396 -1.74 11.50 -18.52
N PHE A 397 -2.02 10.43 -17.77
CA PHE A 397 -1.30 10.17 -16.52
C PHE A 397 -0.88 8.72 -16.39
N GLU A 398 0.36 8.43 -16.80
CA GLU A 398 0.94 7.10 -16.61
C GLU A 398 1.23 6.90 -15.12
N ASP A 399 0.68 5.82 -14.57
CA ASP A 399 0.70 5.58 -13.12
C ASP A 399 -0.13 6.65 -12.43
N SER A 400 -1.43 6.60 -12.70
CA SER A 400 -2.37 7.60 -12.22
C SER A 400 -2.66 7.45 -10.72
N HIS A 401 -2.31 6.30 -10.17
CA HIS A 401 -2.52 6.02 -8.76
C HIS A 401 -1.32 6.46 -7.94
N LYS A 402 -0.34 7.06 -8.60
CA LYS A 402 0.88 7.51 -7.91
C LYS A 402 0.96 9.03 -7.79
N PHE A 403 1.30 9.49 -6.60
CA PHE A 403 1.54 10.90 -6.39
C PHE A 403 2.92 11.21 -6.98
N ARG A 404 2.94 11.91 -8.11
CA ARG A 404 4.19 12.31 -8.74
C ARG A 404 4.01 13.71 -9.27
N PRO A 405 4.40 14.72 -8.49
CA PRO A 405 4.31 16.12 -8.93
C PRO A 405 5.18 16.40 -10.15
N GLU A 406 6.20 15.58 -10.35
CA GLU A 406 7.13 15.73 -11.48
C GLU A 406 6.44 15.77 -12.84
N ARG A 407 5.39 14.97 -13.00
CA ARG A 407 4.62 14.95 -14.25
C ARG A 407 4.20 16.33 -14.79
N TRP A 408 4.10 17.31 -13.90
CA TRP A 408 3.68 18.67 -14.27
C TRP A 408 4.85 19.54 -14.72
N LEU A 409 6.07 19.11 -14.42
CA LEU A 409 7.26 19.93 -14.67
C LEU A 409 8.03 19.53 -15.94
N GLN A 410 7.84 18.29 -16.37
CA GLN A 410 8.54 17.78 -17.55
C GLN A 410 7.91 18.28 -18.85
N LYS A 411 8.71 18.97 -19.67
CA LYS A 411 8.19 19.56 -20.92
C LYS A 411 8.26 18.63 -22.14
N GLU A 412 8.61 17.37 -21.89
CA GLU A 412 8.69 16.36 -22.95
C GLU A 412 7.39 15.54 -23.08
N LYS A 413 6.32 16.05 -22.49
CA LYS A 413 4.97 15.46 -22.61
C LYS A 413 3.93 16.46 -22.15
N LYS A 414 3.01 16.79 -23.06
CA LYS A 414 1.91 17.71 -22.75
C LYS A 414 0.86 16.99 -21.91
N ILE A 415 0.52 17.56 -20.76
CA ILE A 415 -0.69 17.18 -20.07
C ILE A 415 -1.78 18.09 -20.62
N ASN A 416 -2.81 17.48 -21.21
CA ASN A 416 -3.91 18.21 -21.82
C ASN A 416 -4.72 18.94 -20.74
N PRO A 417 -4.80 20.26 -20.85
CA PRO A 417 -5.45 21.09 -19.80
C PRO A 417 -6.86 20.66 -19.42
N PHE A 418 -7.58 20.05 -20.36
CA PHE A 418 -8.91 19.53 -20.11
C PHE A 418 -8.89 18.14 -19.43
N ALA A 419 -7.71 17.74 -18.97
CA ALA A 419 -7.57 16.50 -18.21
C ALA A 419 -7.53 16.82 -16.72
N HIS A 420 -7.24 18.06 -16.39
CA HIS A 420 -7.15 18.52 -14.99
C HIS A 420 -8.10 19.69 -14.76
N LEU A 421 -9.27 19.40 -14.19
CA LEU A 421 -10.30 20.45 -13.99
C LEU A 421 -10.90 20.55 -12.55
N PRO A 422 -10.05 20.67 -11.53
CA PRO A 422 -10.55 20.71 -10.16
C PRO A 422 -11.44 21.94 -9.89
N PHE A 423 -11.25 23.00 -10.67
CA PHE A 423 -12.04 24.23 -10.54
C PHE A 423 -13.16 24.40 -11.59
N GLY A 424 -13.55 23.31 -12.24
CA GLY A 424 -14.55 23.38 -13.30
C GLY A 424 -13.97 23.90 -14.60
N ILE A 425 -14.82 24.37 -15.50
CA ILE A 425 -14.40 24.78 -16.85
C ILE A 425 -15.19 25.94 -17.37
N GLY A 426 -14.56 26.74 -18.23
CA GLY A 426 -15.27 27.75 -19.00
C GLY A 426 -15.56 29.02 -18.21
N LYS A 427 -16.53 29.79 -18.70
CA LYS A 427 -16.80 31.07 -18.11
C LYS A 427 -17.51 31.00 -16.74
N ARG A 428 -18.22 29.91 -16.48
CA ARG A 428 -18.84 29.70 -15.17
C ARG A 428 -18.00 28.74 -14.30
N MET A 429 -16.68 28.78 -14.50
CA MET A 429 -15.76 28.00 -13.66
C MET A 429 -15.55 28.73 -12.33
N CYS A 430 -14.88 28.09 -11.39
CA CYS A 430 -14.61 28.70 -10.10
C CYS A 430 -14.02 30.10 -10.25
N ILE A 431 -14.61 31.06 -9.53
CA ILE A 431 -14.15 32.44 -9.59
C ILE A 431 -13.04 32.68 -8.57
N GLY A 432 -12.93 31.77 -7.62
CA GLY A 432 -11.94 31.89 -6.54
C GLY A 432 -10.60 31.21 -6.79
N ARG A 433 -10.42 30.69 -8.00
CA ARG A 433 -9.23 29.87 -8.32
C ARG A 433 -7.91 30.50 -7.85
N ARG A 434 -7.63 31.73 -8.28
CA ARG A 434 -6.36 32.40 -7.96
C ARG A 434 -6.17 32.68 -6.48
N LEU A 435 -7.24 33.05 -5.81
CA LEU A 435 -7.18 33.38 -4.39
C LEU A 435 -7.00 32.11 -3.57
N ALA A 436 -7.71 31.05 -3.94
CA ALA A 436 -7.56 29.75 -3.33
C ALA A 436 -6.11 29.25 -3.50
N GLU A 437 -5.61 29.29 -4.73
CA GLU A 437 -4.21 28.93 -5.01
C GLU A 437 -3.21 29.75 -4.20
N LEU A 438 -3.38 31.06 -4.20
CA LEU A 438 -2.49 31.93 -3.44
C LEU A 438 -2.46 31.52 -1.97
N GLN A 439 -3.64 31.34 -1.36
CA GLN A 439 -3.72 30.93 0.04
C GLN A 439 -3.08 29.56 0.31
N LEU A 440 -3.33 28.61 -0.58
CA LEU A 440 -2.78 27.27 -0.44
C LEU A 440 -1.26 27.25 -0.62
N HIS A 441 -0.78 27.90 -1.68
CA HIS A 441 0.64 28.04 -1.91
C HIS A 441 1.37 28.59 -0.69
N LEU A 442 0.87 29.68 -0.14
CA LEU A 442 1.51 30.33 1.01
C LEU A 442 1.38 29.50 2.28
N ALA A 443 0.24 28.83 2.44
CA ALA A 443 0.01 28.00 3.62
C ALA A 443 1.02 26.85 3.61
N LEU A 444 1.26 26.29 2.44
CA LEU A 444 2.27 25.26 2.29
C LEU A 444 3.68 25.72 2.67
N CYS A 445 4.08 26.91 2.21
CA CYS A 445 5.36 27.48 2.59
C CYS A 445 5.53 27.58 4.09
N TRP A 446 4.58 28.21 4.75
CA TRP A 446 4.59 28.34 6.22
C TRP A 446 4.60 27.00 6.97
N ILE A 447 3.83 26.04 6.48
CA ILE A 447 3.71 24.77 7.18
C ILE A 447 4.97 23.91 7.04
N ILE A 448 5.47 23.77 5.82
CA ILE A 448 6.65 22.95 5.56
C ILE A 448 7.90 23.60 6.16
N GLN A 449 7.99 24.92 6.06
CA GLN A 449 9.10 25.66 6.65
C GLN A 449 9.28 25.27 8.11
N LYS A 450 8.19 25.23 8.86
CA LYS A 450 8.23 24.95 10.28
C LYS A 450 8.24 23.45 10.61
N TYR A 451 7.53 22.66 9.82
CA TYR A 451 7.17 21.31 10.22
C TYR A 451 7.51 20.25 9.22
N ASP A 452 7.89 19.09 9.75
CA ASP A 452 7.92 17.89 8.97
C ASP A 452 6.54 17.26 9.08
N ILE A 453 6.00 16.84 7.95
CA ILE A 453 4.68 16.23 7.91
C ILE A 453 4.85 14.71 7.87
N VAL A 454 4.61 14.07 9.01
CA VAL A 454 4.84 12.63 9.15
C VAL A 454 3.54 11.81 9.22
N ALA A 455 3.55 10.66 8.54
CA ALA A 455 2.47 9.69 8.66
C ALA A 455 2.55 9.02 10.02
N THR A 456 1.43 8.93 10.70
CA THR A 456 1.37 8.29 12.02
C THR A 456 0.90 6.82 11.96
N ASP A 457 0.27 6.44 10.86
CA ASP A 457 -0.05 5.03 10.59
C ASP A 457 -0.19 4.82 9.09
N ASN A 458 -0.35 3.58 8.66
CA ASN A 458 -0.41 3.27 7.24
C ASN A 458 -1.71 2.59 6.89
N GLU A 459 -2.73 2.78 7.73
CA GLU A 459 -4.02 2.13 7.52
C GLU A 459 -4.85 2.84 6.45
N PRO A 460 -5.88 2.15 5.92
CA PRO A 460 -6.68 2.71 4.84
C PRO A 460 -7.39 3.99 5.26
N VAL A 461 -7.42 4.94 4.35
CA VAL A 461 -8.20 6.16 4.51
C VAL A 461 -9.06 6.29 3.26
N GLU A 462 -10.35 6.50 3.45
CA GLU A 462 -11.26 6.62 2.31
C GLU A 462 -11.80 8.03 2.08
N MET A 463 -12.16 8.32 0.84
CA MET A 463 -12.77 9.60 0.49
C MET A 463 -14.27 9.44 0.48
N LEU A 464 -14.93 10.15 1.38
CA LEU A 464 -16.39 10.17 1.44
C LEU A 464 -16.95 11.46 0.83
N HIS A 465 -18.03 11.33 0.05
CA HIS A 465 -18.72 12.50 -0.49
C HIS A 465 -19.77 13.04 0.47
N LEU A 466 -19.40 14.08 1.20
CA LEU A 466 -20.31 14.74 2.14
C LEU A 466 -20.33 16.22 1.76
N GLY A 467 -20.94 16.52 0.61
CA GLY A 467 -20.86 17.85 0.02
C GLY A 467 -19.60 17.90 -0.81
N ILE A 468 -18.45 17.85 -0.15
CA ILE A 468 -17.18 17.67 -0.84
C ILE A 468 -16.56 16.34 -0.39
N LEU A 469 -15.40 16.01 -0.94
CA LEU A 469 -14.71 14.76 -0.59
C LEU A 469 -13.89 14.94 0.69
N VAL A 470 -14.26 14.17 1.71
CA VAL A 470 -13.65 14.28 3.01
C VAL A 470 -13.13 12.89 3.43
N PRO A 471 -12.14 12.85 4.31
CA PRO A 471 -11.59 11.60 4.79
C PRO A 471 -12.57 10.82 5.62
N SER A 472 -12.47 9.49 5.57
CA SER A 472 -13.35 8.59 6.30
C SER A 472 -13.08 8.62 7.80
N ARG A 473 -11.96 9.20 8.20
CA ARG A 473 -11.59 9.26 9.59
C ARG A 473 -10.56 10.36 9.83
N GLU A 474 -10.26 10.64 11.09
CA GLU A 474 -9.20 11.57 11.44
C GLU A 474 -7.91 11.19 10.69
N LEU A 475 -7.31 12.19 10.06
CA LEU A 475 -6.17 11.98 9.18
C LEU A 475 -4.91 11.62 9.96
N PRO A 476 -4.26 10.51 9.59
CA PRO A 476 -3.11 9.99 10.32
C PRO A 476 -1.81 10.75 10.01
N ILE A 477 -1.73 11.98 10.50
CA ILE A 477 -0.55 12.81 10.26
C ILE A 477 -0.16 13.56 11.51
N ALA A 478 1.14 13.79 11.67
CA ALA A 478 1.64 14.59 12.78
C ALA A 478 2.54 15.70 12.27
N PHE A 479 2.72 16.73 13.08
CA PHE A 479 3.53 17.87 12.72
C PHE A 479 4.72 17.93 13.66
N ARG A 480 5.90 17.57 13.14
CA ARG A 480 7.09 17.50 13.95
C ARG A 480 7.97 18.70 13.67
N PRO A 481 8.13 19.58 14.66
CA PRO A 481 8.94 20.77 14.52
C PRO A 481 10.29 20.36 13.97
N ARG A 482 10.66 20.93 12.83
CA ARG A 482 11.93 20.58 12.21
C ARG A 482 13.04 21.38 12.84
N GLU B 19 23.51 -21.31 -31.41
CA GLU B 19 22.14 -21.14 -30.86
C GLU B 19 21.10 -22.04 -31.56
N THR B 20 21.42 -22.49 -32.78
CA THR B 20 20.50 -23.31 -33.58
C THR B 20 19.86 -24.44 -32.74
N ARG B 21 20.58 -24.87 -31.70
CA ARG B 21 20.05 -25.85 -30.74
C ARG B 21 18.75 -25.34 -30.10
N ASN B 22 17.66 -26.05 -30.38
CA ASN B 22 16.34 -25.63 -29.92
C ASN B 22 15.81 -26.47 -28.76
N VAL B 23 14.69 -26.03 -28.20
CA VAL B 23 14.05 -26.71 -27.07
C VAL B 23 13.70 -28.17 -27.39
N THR B 24 13.32 -28.42 -28.64
CA THR B 24 12.93 -29.77 -29.08
C THR B 24 14.14 -30.71 -29.20
N ASP B 25 15.33 -30.13 -29.35
CA ASP B 25 16.58 -30.89 -29.45
C ASP B 25 17.13 -31.32 -28.07
N LEU B 26 16.47 -30.87 -27.02
CA LEU B 26 16.88 -31.18 -25.65
C LEU B 26 16.64 -32.65 -25.37
N PRO B 27 17.58 -33.30 -24.66
CA PRO B 27 17.42 -34.70 -24.30
C PRO B 27 16.41 -34.82 -23.16
N GLY B 28 15.99 -36.04 -22.86
CA GLY B 28 15.02 -36.26 -21.80
C GLY B 28 14.46 -37.66 -21.80
N PRO B 29 13.68 -37.99 -20.75
CA PRO B 29 12.99 -39.27 -20.67
C PRO B 29 11.97 -39.45 -21.80
N THR B 30 11.63 -40.71 -22.10
CA THR B 30 10.71 -41.03 -23.20
C THR B 30 9.26 -40.62 -22.89
N ASN B 31 8.62 -40.02 -23.88
CA ASN B 31 7.23 -39.63 -23.75
C ASN B 31 6.28 -40.57 -24.47
N TRP B 32 5.14 -40.83 -23.82
CA TRP B 32 4.00 -41.42 -24.48
C TRP B 32 3.09 -40.25 -24.79
N PRO B 33 2.21 -40.38 -25.79
CA PRO B 33 1.25 -39.32 -26.10
C PRO B 33 0.34 -39.01 -24.91
N LEU B 34 -0.11 -37.77 -24.81
CA LEU B 34 -0.93 -37.28 -23.69
C LEU B 34 -0.20 -37.28 -22.34
N LEU B 35 0.52 -38.35 -22.05
CA LEU B 35 1.04 -38.59 -20.70
C LEU B 35 2.39 -37.96 -20.39
N GLY B 36 3.22 -37.79 -21.42
CA GLY B 36 4.62 -37.47 -21.22
C GLY B 36 5.36 -38.66 -20.63
N SER B 37 6.20 -38.39 -19.63
CA SER B 37 6.93 -39.43 -18.94
C SER B 37 6.37 -39.62 -17.53
N LEU B 38 5.09 -39.27 -17.38
CA LEU B 38 4.39 -39.41 -16.11
C LEU B 38 4.45 -40.82 -15.52
N LEU B 39 4.29 -41.83 -16.37
CA LEU B 39 4.35 -43.22 -15.91
C LEU B 39 5.71 -43.60 -15.31
N GLU B 40 6.78 -43.16 -15.96
CA GLU B 40 8.14 -43.42 -15.47
C GLU B 40 8.31 -42.84 -14.05
N ILE B 41 7.70 -41.69 -13.80
CA ILE B 41 7.72 -41.05 -12.49
C ILE B 41 7.15 -41.94 -11.37
N PHE B 42 6.03 -42.60 -11.64
CA PHE B 42 5.38 -43.47 -10.65
C PHE B 42 6.08 -44.80 -10.49
N TRP B 43 6.63 -45.33 -11.59
CA TRP B 43 7.40 -46.56 -11.54
C TRP B 43 8.58 -46.37 -10.61
N LYS B 44 9.14 -45.16 -10.64
CA LYS B 44 10.31 -44.81 -9.84
C LYS B 44 9.98 -44.51 -8.36
N GLY B 45 8.73 -44.17 -8.06
CA GLY B 45 8.30 -43.95 -6.68
C GLY B 45 7.37 -42.77 -6.46
N GLY B 46 7.04 -42.05 -7.54
CA GLY B 46 6.22 -40.86 -7.44
C GLY B 46 6.93 -39.72 -6.73
N LEU B 47 6.15 -38.84 -6.10
CA LEU B 47 6.68 -37.69 -5.37
C LEU B 47 7.76 -38.05 -4.35
N LYS B 48 7.52 -39.11 -3.59
CA LYS B 48 8.43 -39.52 -2.51
C LYS B 48 9.89 -39.68 -2.94
N LYS B 49 10.11 -39.97 -4.21
CA LYS B 49 11.45 -40.32 -4.69
C LYS B 49 11.91 -39.44 -5.86
N GLN B 50 11.16 -38.38 -6.11
CA GLN B 50 11.45 -37.44 -7.21
C GLN B 50 12.91 -36.97 -7.25
N HIS B 51 13.49 -36.67 -6.08
CA HIS B 51 14.89 -36.27 -6.00
C HIS B 51 15.89 -37.32 -6.55
N ASP B 52 15.66 -38.59 -6.27
CA ASP B 52 16.48 -39.69 -6.82
C ASP B 52 16.27 -39.83 -8.33
N THR B 53 15.05 -39.58 -8.75
CA THR B 53 14.68 -39.70 -10.16
C THR B 53 15.34 -38.60 -11.01
N LEU B 54 15.26 -37.35 -10.56
CA LEU B 54 15.91 -36.24 -11.26
C LEU B 54 17.43 -36.40 -11.28
N ALA B 55 17.99 -36.85 -10.16
CA ALA B 55 19.42 -37.04 -10.05
C ALA B 55 19.90 -38.10 -11.03
N GLU B 56 19.10 -39.14 -11.23
CA GLU B 56 19.41 -40.20 -12.19
C GLU B 56 19.23 -39.67 -13.61
N TYR B 57 18.22 -38.84 -13.82
CA TYR B 57 18.06 -38.15 -15.09
C TYR B 57 19.23 -37.19 -15.44
N HIS B 58 19.78 -36.51 -14.44
CA HIS B 58 20.93 -35.65 -14.69
C HIS B 58 22.16 -36.50 -14.98
N LYS B 59 22.28 -37.64 -14.29
CA LYS B 59 23.35 -38.59 -14.51
C LYS B 59 23.27 -39.22 -15.92
N LYS B 60 22.05 -39.42 -16.41
CA LYS B 60 21.81 -40.10 -17.69
C LYS B 60 21.77 -39.16 -18.91
N TYR B 61 21.18 -37.98 -18.73
CA TYR B 61 20.99 -37.04 -19.85
C TYR B 61 21.87 -35.81 -19.76
N GLY B 62 22.54 -35.63 -18.64
CA GLY B 62 23.44 -34.50 -18.46
C GLY B 62 22.85 -33.31 -17.73
N GLN B 63 23.53 -32.18 -17.86
CA GLN B 63 23.27 -30.99 -17.06
C GLN B 63 21.93 -30.30 -17.33
N ILE B 64 21.39 -30.49 -18.53
CA ILE B 64 20.13 -29.87 -18.92
C ILE B 64 19.30 -30.88 -19.71
N PHE B 65 18.04 -31.03 -19.32
CA PHE B 65 17.13 -31.91 -20.04
C PHE B 65 15.68 -31.42 -19.93
N ARG B 66 14.79 -32.02 -20.71
CA ARG B 66 13.38 -31.65 -20.74
C ARG B 66 12.53 -32.76 -20.16
N MET B 67 11.43 -32.38 -19.53
CA MET B 67 10.52 -33.33 -18.94
C MET B 67 9.10 -32.86 -19.16
N LYS B 68 8.24 -33.79 -19.55
CA LYS B 68 6.80 -33.52 -19.71
C LYS B 68 6.01 -34.46 -18.82
N LEU B 69 5.16 -33.88 -17.96
CA LEU B 69 4.24 -34.66 -17.15
C LEU B 69 2.86 -34.14 -17.49
N GLY B 70 2.19 -34.85 -18.40
CA GLY B 70 0.96 -34.34 -18.96
C GLY B 70 1.26 -32.97 -19.54
N SER B 71 0.43 -31.99 -19.22
CA SER B 71 0.60 -30.64 -19.75
C SER B 71 1.70 -29.83 -19.04
N PHE B 72 2.27 -30.39 -17.97
CA PHE B 72 3.40 -29.74 -17.28
C PHE B 72 4.73 -29.92 -17.99
N ASP B 73 5.22 -28.85 -18.57
CA ASP B 73 6.44 -28.85 -19.36
C ASP B 73 7.51 -28.07 -18.59
N SER B 74 8.68 -28.67 -18.43
CA SER B 74 9.75 -28.09 -17.64
C SER B 74 11.13 -28.46 -18.16
N VAL B 75 12.08 -27.52 -18.12
CA VAL B 75 13.47 -27.85 -18.38
C VAL B 75 14.33 -27.75 -17.13
N HIS B 76 15.12 -28.79 -16.90
CA HIS B 76 15.79 -29.00 -15.66
C HIS B 76 17.25 -28.59 -15.78
N LEU B 77 17.72 -27.83 -14.80
CA LEU B 77 19.08 -27.29 -14.78
C LEU B 77 19.85 -27.86 -13.61
N GLY B 78 20.99 -28.48 -13.89
CA GLY B 78 21.74 -29.20 -12.87
C GLY B 78 23.25 -29.07 -12.85
N SER B 79 23.76 -27.92 -13.29
CA SER B 79 25.18 -27.62 -13.18
C SER B 79 25.43 -26.17 -12.74
N PRO B 80 26.61 -25.90 -12.15
CA PRO B 80 26.96 -24.55 -11.72
C PRO B 80 27.00 -23.54 -12.84
N SER B 81 27.48 -23.94 -14.01
CA SER B 81 27.64 -23.00 -15.11
C SER B 81 26.30 -22.60 -15.71
N LEU B 82 25.36 -23.55 -15.77
CA LEU B 82 23.99 -23.26 -16.21
C LEU B 82 23.28 -22.37 -15.22
N LEU B 83 23.49 -22.62 -13.93
CA LEU B 83 22.85 -21.80 -12.87
C LEU B 83 23.44 -20.39 -12.79
N GLU B 84 24.75 -20.27 -12.94
CA GLU B 84 25.39 -18.96 -13.07
C GLU B 84 24.86 -18.19 -14.27
N ALA B 85 24.77 -18.85 -15.42
CA ALA B 85 24.21 -18.23 -16.63
C ALA B 85 22.76 -17.75 -16.43
N LEU B 86 21.97 -18.52 -15.68
CA LEU B 86 20.60 -18.13 -15.38
C LEU B 86 20.56 -16.87 -14.51
N TYR B 87 21.44 -16.84 -13.49
CA TYR B 87 21.57 -15.69 -12.61
C TYR B 87 22.00 -14.41 -13.33
N ARG B 88 22.99 -14.52 -14.22
CA ARG B 88 23.56 -13.35 -14.91
C ARG B 88 22.54 -12.62 -15.76
N THR B 89 21.48 -13.31 -16.17
CA THR B 89 20.45 -12.73 -17.02
C THR B 89 19.09 -12.59 -16.34
N GLU B 90 19.01 -12.89 -15.04
CA GLU B 90 17.71 -12.94 -14.35
C GLU B 90 16.95 -11.62 -14.36
N SER B 91 15.63 -11.72 -14.48
CA SER B 91 14.73 -10.58 -14.38
C SER B 91 14.86 -9.82 -13.05
N ALA B 92 14.41 -8.57 -13.03
CA ALA B 92 14.39 -7.79 -11.80
C ALA B 92 13.41 -8.34 -10.76
N HIS B 93 12.37 -9.03 -11.25
CA HIS B 93 11.37 -9.63 -10.39
C HIS B 93 11.18 -11.09 -10.82
N PRO B 94 12.08 -11.98 -10.36
CA PRO B 94 11.99 -13.39 -10.69
C PRO B 94 10.74 -14.04 -10.07
N GLN B 95 10.20 -15.06 -10.74
CA GLN B 95 9.01 -15.74 -10.23
C GLN B 95 9.17 -17.24 -10.19
N ARG B 96 8.63 -17.85 -9.13
CA ARG B 96 8.56 -19.29 -9.03
C ARG B 96 7.22 -19.71 -9.63
N LEU B 97 6.93 -21.01 -9.65
CA LEU B 97 5.59 -21.48 -10.01
C LEU B 97 4.64 -20.93 -8.99
N GLU B 98 3.42 -20.62 -9.40
CA GLU B 98 2.44 -20.05 -8.49
C GLU B 98 1.78 -21.09 -7.61
N ILE B 99 1.50 -20.68 -6.37
CA ILE B 99 0.73 -21.46 -5.43
C ILE B 99 -0.66 -20.85 -5.43
N LYS B 100 -1.54 -21.39 -6.27
CA LYS B 100 -2.89 -20.85 -6.46
C LYS B 100 -3.79 -20.86 -5.21
N PRO B 101 -3.81 -21.97 -4.47
CA PRO B 101 -4.66 -22.07 -3.27
C PRO B 101 -4.36 -20.99 -2.23
N TRP B 102 -3.09 -20.68 -2.01
CA TRP B 102 -2.70 -19.61 -1.10
C TRP B 102 -3.22 -18.26 -1.55
N LYS B 103 -3.10 -17.97 -2.85
CA LYS B 103 -3.65 -16.73 -3.40
C LYS B 103 -5.18 -16.67 -3.31
N ALA B 104 -5.82 -17.81 -3.53
CA ALA B 104 -7.28 -17.86 -3.58
C ALA B 104 -7.89 -17.56 -2.21
N TYR B 105 -7.24 -18.04 -1.16
CA TYR B 105 -7.67 -17.72 0.19
C TYR B 105 -7.57 -16.22 0.48
N ARG B 106 -6.44 -15.61 0.12
CA ARG B 106 -6.20 -14.20 0.44
C ARG B 106 -7.18 -13.32 -0.32
N ASP B 107 -7.46 -13.66 -1.57
CA ASP B 107 -8.47 -12.96 -2.37
C ASP B 107 -9.86 -13.10 -1.70
N HIS B 108 -10.21 -14.32 -1.31
CA HIS B 108 -11.48 -14.59 -0.65
C HIS B 108 -11.68 -13.74 0.62
N ARG B 109 -10.64 -13.61 1.43
CA ARG B 109 -10.74 -12.86 2.68
C ARG B 109 -10.12 -11.47 2.62
N ASN B 110 -9.83 -10.99 1.41
CA ASN B 110 -9.20 -9.68 1.24
C ASN B 110 -7.94 -9.49 2.12
N GLU B 111 -7.19 -10.57 2.33
CA GLU B 111 -5.88 -10.49 3.00
C GLU B 111 -4.80 -10.20 1.95
N ALA B 112 -3.65 -9.71 2.41
CA ALA B 112 -2.53 -9.42 1.51
C ALA B 112 -1.76 -10.68 1.17
N TYR B 113 -0.88 -10.58 0.18
CA TYR B 113 0.00 -11.67 -0.22
C TYR B 113 1.31 -11.46 0.50
N GLY B 114 1.99 -12.56 0.83
CA GLY B 114 3.34 -12.48 1.39
C GLY B 114 4.41 -12.72 0.34
N LEU B 115 5.66 -12.76 0.78
CA LEU B 115 6.80 -12.88 -0.14
C LEU B 115 6.75 -14.09 -1.06
N MET B 116 6.20 -15.19 -0.58
CA MET B 116 6.11 -16.40 -1.38
C MET B 116 5.18 -16.31 -2.59
N ILE B 117 4.20 -15.40 -2.54
CA ILE B 117 3.21 -15.30 -3.60
C ILE B 117 3.16 -13.94 -4.32
N LEU B 118 3.78 -12.92 -3.73
CA LEU B 118 3.93 -11.64 -4.40
C LEU B 118 4.70 -11.79 -5.74
N GLU B 119 4.44 -10.88 -6.67
CA GLU B 119 5.13 -10.86 -7.97
C GLU B 119 5.44 -9.41 -8.31
N GLY B 120 6.22 -9.19 -9.36
CA GLY B 120 6.54 -7.83 -9.83
C GLY B 120 7.10 -6.84 -8.81
N GLN B 121 6.81 -5.56 -9.03
CA GLN B 121 7.23 -4.50 -8.10
C GLN B 121 6.53 -4.57 -6.74
N GLU B 122 5.40 -5.27 -6.70
CA GLU B 122 4.72 -5.51 -5.43
C GLU B 122 5.64 -6.41 -4.57
N TRP B 123 6.25 -7.42 -5.20
CA TRP B 123 7.26 -8.25 -4.57
C TRP B 123 8.51 -7.44 -4.17
N GLN B 124 8.99 -6.58 -5.06
CA GLN B 124 10.21 -5.80 -4.79
C GLN B 124 10.07 -4.93 -3.56
N ARG B 125 8.93 -4.25 -3.46
CA ARG B 125 8.62 -3.38 -2.34
C ARG B 125 8.75 -4.09 -0.98
N VAL B 126 8.06 -5.22 -0.84
CA VAL B 126 8.06 -5.97 0.42
C VAL B 126 9.42 -6.64 0.67
N ARG B 127 10.01 -7.20 -0.39
CA ARG B 127 11.32 -7.84 -0.30
C ARG B 127 12.37 -6.84 0.18
N SER B 128 12.43 -5.69 -0.47
CA SER B 128 13.36 -4.65 -0.09
C SER B 128 13.19 -4.20 1.38
N ALA B 129 11.95 -4.04 1.83
CA ALA B 129 11.70 -3.66 3.23
C ALA B 129 12.23 -4.67 4.23
N PHE B 130 12.06 -5.95 3.92
CA PHE B 130 12.45 -7.01 4.84
C PHE B 130 13.92 -7.40 4.77
N GLN B 131 14.51 -7.29 3.58
CA GLN B 131 15.92 -7.64 3.38
C GLN B 131 16.86 -6.79 4.23
N LYS B 132 16.59 -5.49 4.32
CA LYS B 132 17.37 -4.57 5.16
C LYS B 132 17.49 -5.07 6.59
N LYS B 133 16.54 -5.90 7.02
CA LYS B 133 16.51 -6.34 8.40
C LYS B 133 16.99 -7.77 8.56
N LEU B 134 16.48 -8.67 7.72
CA LEU B 134 16.78 -10.09 7.85
C LEU B 134 18.14 -10.49 7.31
N MET B 135 18.67 -9.69 6.39
CA MET B 135 19.93 -10.02 5.71
C MET B 135 21.12 -9.12 6.02
N LYS B 136 21.06 -8.38 7.12
CA LYS B 136 22.21 -7.58 7.54
C LYS B 136 22.78 -8.13 8.83
N PRO B 137 24.01 -8.65 8.78
CA PRO B 137 24.62 -9.38 9.90
C PRO B 137 24.53 -8.60 11.22
N VAL B 138 24.72 -7.29 11.16
CA VAL B 138 24.62 -6.42 12.33
C VAL B 138 23.22 -6.41 12.98
N GLU B 139 22.19 -6.47 12.16
CA GLU B 139 20.81 -6.57 12.64
C GLU B 139 20.48 -7.98 13.15
N ILE B 140 21.01 -8.98 12.45
CA ILE B 140 20.76 -10.38 12.80
C ILE B 140 21.44 -10.73 14.13
N MET B 141 22.68 -10.29 14.31
CA MET B 141 23.46 -10.59 15.53
C MET B 141 22.74 -10.30 16.85
N LYS B 142 21.94 -9.23 16.87
CA LYS B 142 21.15 -8.86 18.06
C LYS B 142 20.10 -9.90 18.50
N LEU B 143 19.73 -10.80 17.59
CA LEU B 143 18.74 -11.83 17.89
C LEU B 143 19.29 -12.94 18.78
N ASP B 144 20.59 -12.89 19.05
CA ASP B 144 21.27 -14.00 19.71
C ASP B 144 20.85 -14.26 21.15
N LYS B 145 20.57 -13.19 21.90
CA LYS B 145 20.07 -13.33 23.27
C LYS B 145 18.76 -14.11 23.23
N LYS B 146 17.84 -13.68 22.37
CA LYS B 146 16.59 -14.38 22.14
C LYS B 146 16.77 -15.86 21.78
N ILE B 147 17.60 -16.13 20.77
CA ILE B 147 17.84 -17.49 20.30
C ILE B 147 18.43 -18.39 21.39
N ASN B 148 19.31 -17.81 22.20
CA ASN B 148 19.94 -18.53 23.32
C ASN B 148 18.98 -18.93 24.41
N GLU B 149 18.00 -18.07 24.70
CA GLU B 149 17.06 -18.35 25.77
C GLU B 149 16.08 -19.47 25.42
N VAL B 150 15.87 -19.69 24.12
CA VAL B 150 15.06 -20.80 23.64
C VAL B 150 15.89 -22.08 23.57
N LEU B 151 17.14 -21.95 23.14
CA LEU B 151 18.07 -23.08 23.12
C LEU B 151 18.26 -23.66 24.51
N ALA B 152 18.51 -22.78 25.48
CA ALA B 152 18.61 -23.20 26.88
C ALA B 152 17.44 -24.08 27.30
N ASP B 153 16.22 -23.66 26.97
CA ASP B 153 15.04 -24.42 27.36
C ASP B 153 14.90 -25.73 26.60
N PHE B 154 15.13 -25.69 25.29
CA PHE B 154 15.08 -26.91 24.49
C PHE B 154 16.11 -27.97 24.95
N LEU B 155 17.26 -27.51 25.42
CA LEU B 155 18.30 -28.41 25.91
C LEU B 155 17.91 -29.12 27.20
N GLU B 156 17.26 -28.39 28.10
CA GLU B 156 16.76 -29.01 29.34
C GLU B 156 15.55 -29.91 29.09
N ARG B 157 14.85 -29.68 27.97
CA ARG B 157 13.80 -30.60 27.54
C ARG B 157 14.39 -31.88 26.95
N MET B 158 15.58 -31.77 26.37
CA MET B 158 16.25 -32.92 25.74
C MET B 158 16.55 -34.09 26.68
N ASP B 159 17.20 -33.80 27.81
CA ASP B 159 17.53 -34.84 28.80
C ASP B 159 16.27 -35.29 29.56
N GLU B 160 15.18 -34.55 29.40
CA GLU B 160 13.90 -34.97 29.89
C GLU B 160 13.33 -36.06 28.99
N LEU B 161 13.50 -35.89 27.68
CA LEU B 161 12.94 -36.79 26.70
C LEU B 161 13.87 -37.95 26.30
N CYS B 162 15.16 -37.81 26.65
CA CYS B 162 16.15 -38.85 26.40
C CYS B 162 15.74 -40.22 26.94
N ASP B 163 16.17 -41.27 26.24
CA ASP B 163 16.00 -42.64 26.69
C ASP B 163 17.09 -43.02 27.67
N GLU B 164 16.98 -44.22 28.24
CA GLU B 164 18.06 -44.83 29.00
C GLU B 164 19.27 -44.93 28.06
N ARG B 165 18.97 -45.17 26.78
CA ARG B 165 20.00 -45.31 25.75
C ARG B 165 20.41 -43.97 25.13
N GLY B 166 19.67 -42.92 25.45
CA GLY B 166 19.97 -41.58 24.95
C GLY B 166 19.17 -41.22 23.70
N ARG B 167 18.27 -42.11 23.31
CA ARG B 167 17.37 -41.91 22.18
C ARG B 167 16.29 -40.90 22.52
N ILE B 168 16.01 -40.00 21.59
CA ILE B 168 14.84 -39.16 21.69
C ILE B 168 13.84 -39.70 20.68
N PRO B 169 12.67 -40.13 21.16
CA PRO B 169 11.61 -40.55 20.26
C PRO B 169 10.95 -39.32 19.64
N ASP B 170 10.49 -39.46 18.40
CA ASP B 170 9.93 -38.32 17.65
C ASP B 170 10.92 -37.16 17.59
N LEU B 171 12.18 -37.48 17.29
CA LEU B 171 13.21 -36.45 17.23
C LEU B 171 12.84 -35.33 16.25
N TYR B 172 12.48 -35.71 15.02
CA TYR B 172 12.10 -34.72 14.01
C TYR B 172 10.98 -33.78 14.49
N SER B 173 9.97 -34.37 15.13
CA SER B 173 8.91 -33.61 15.78
C SER B 173 9.45 -32.62 16.81
N GLU B 174 10.39 -33.08 17.63
CA GLU B 174 10.99 -32.24 18.69
C GLU B 174 11.90 -31.12 18.17
N LEU B 175 12.61 -31.36 17.07
CA LEU B 175 13.39 -30.29 16.44
C LEU B 175 12.45 -29.21 15.90
N ASN B 176 11.30 -29.64 15.37
CA ASN B 176 10.30 -28.72 14.89
C ASN B 176 9.69 -27.84 15.98
N LYS B 177 9.45 -28.42 17.16
CA LYS B 177 9.00 -27.62 18.30
C LYS B 177 10.04 -26.57 18.64
N TRP B 178 11.32 -26.97 18.68
CA TRP B 178 12.40 -26.02 18.94
C TRP B 178 12.35 -24.90 17.90
N SER B 179 12.29 -25.30 16.64
CA SER B 179 12.34 -24.39 15.52
C SER B 179 11.19 -23.38 15.57
N PHE B 180 9.98 -23.89 15.82
CA PHE B 180 8.80 -23.06 16.00
C PHE B 180 8.95 -22.04 17.14
N GLU B 181 9.27 -22.54 18.33
CA GLU B 181 9.46 -21.68 19.49
C GLU B 181 10.46 -20.58 19.18
N SER B 182 11.58 -20.95 18.56
CA SER B 182 12.66 -19.99 18.28
C SER B 182 12.26 -18.90 17.28
N ILE B 183 11.63 -19.29 16.18
CA ILE B 183 11.27 -18.34 15.14
C ILE B 183 10.10 -17.43 15.55
N CYS B 184 9.19 -17.97 16.36
CA CYS B 184 8.10 -17.19 16.94
C CYS B 184 8.54 -16.13 17.96
N LEU B 185 9.63 -16.38 18.68
CA LEU B 185 10.15 -15.36 19.58
C LEU B 185 10.72 -14.22 18.76
N VAL B 186 11.39 -14.56 17.66
CA VAL B 186 12.01 -13.57 16.79
C VAL B 186 10.97 -12.70 16.08
N LEU B 187 9.88 -13.31 15.63
CA LEU B 187 8.86 -12.60 14.84
C LEU B 187 7.78 -11.94 15.66
N TYR B 188 7.35 -12.60 16.73
CA TYR B 188 6.19 -12.17 17.50
C TYR B 188 6.52 -11.70 18.93
N GLU B 189 7.81 -11.62 19.25
CA GLU B 189 8.26 -11.31 20.63
C GLU B 189 7.36 -11.95 21.70
N LYS B 190 7.25 -13.27 21.63
CA LYS B 190 6.33 -14.01 22.47
C LYS B 190 6.74 -15.47 22.49
N ARG B 191 6.82 -16.04 23.68
CA ARG B 191 7.08 -17.47 23.84
C ARG B 191 5.75 -18.20 23.79
N PHE B 192 5.66 -19.17 22.89
CA PHE B 192 4.43 -19.93 22.70
C PHE B 192 4.30 -21.13 23.64
N GLY B 193 5.39 -21.46 24.32
CA GLY B 193 5.38 -22.49 25.35
C GLY B 193 5.36 -23.91 24.83
N LEU B 194 6.07 -24.16 23.74
CA LEU B 194 6.14 -25.51 23.18
C LEU B 194 7.13 -26.42 23.88
N LEU B 195 8.05 -25.83 24.63
CA LEU B 195 9.15 -26.57 25.25
C LEU B 195 8.95 -26.93 26.72
N GLN B 196 7.88 -26.42 27.32
CA GLN B 196 7.54 -26.80 28.68
C GLN B 196 6.17 -27.45 28.68
N LYS B 197 6.13 -28.74 28.96
CA LYS B 197 4.87 -29.44 29.19
C LYS B 197 4.07 -28.60 30.18
N GLU B 198 2.75 -28.54 29.98
CA GLU B 198 1.88 -27.65 30.77
C GLU B 198 1.48 -26.41 29.98
N THR B 199 2.46 -25.67 29.49
CA THR B 199 2.22 -24.54 28.59
C THR B 199 2.12 -25.02 27.14
N GLU B 200 2.28 -26.33 26.96
CA GLU B 200 2.30 -26.94 25.62
C GLU B 200 0.96 -26.86 24.87
N GLU B 201 -0.14 -26.85 25.62
CA GLU B 201 -1.47 -26.98 25.05
C GLU B 201 -2.06 -25.67 24.49
N GLU B 202 -1.36 -24.56 24.66
CA GLU B 202 -1.89 -23.23 24.30
C GLU B 202 -1.77 -22.81 22.83
N ALA B 203 -0.79 -23.39 22.14
CA ALA B 203 -0.61 -23.14 20.70
C ALA B 203 -1.07 -24.34 19.87
N LEU B 204 -1.81 -25.25 20.52
CA LEU B 204 -2.25 -26.47 19.88
C LEU B 204 -3.14 -26.18 18.68
N THR B 205 -4.16 -25.34 18.90
CA THR B 205 -5.11 -25.02 17.85
C THR B 205 -4.40 -24.31 16.68
N PHE B 206 -3.37 -23.53 17.00
CA PHE B 206 -2.57 -22.84 15.99
C PHE B 206 -1.74 -23.79 15.14
N ILE B 207 -1.00 -24.67 15.81
CA ILE B 207 -0.17 -25.68 15.13
C ILE B 207 -1.03 -26.65 14.31
N THR B 208 -2.16 -27.06 14.87
CA THR B 208 -3.07 -27.95 14.16
C THR B 208 -3.56 -27.30 12.87
N ALA B 209 -3.89 -26.02 12.93
CA ALA B 209 -4.32 -25.28 11.74
C ALA B 209 -3.22 -25.27 10.68
N ILE B 210 -1.96 -25.17 11.11
CA ILE B 210 -0.82 -25.25 10.20
C ILE B 210 -0.70 -26.65 9.55
N LYS B 211 -0.82 -27.70 10.35
CA LYS B 211 -0.86 -29.07 9.82
C LYS B 211 -1.99 -29.22 8.81
N THR B 212 -3.19 -28.81 9.21
CA THR B 212 -4.36 -28.91 8.35
C THR B 212 -4.17 -28.13 7.04
N MET B 213 -3.62 -26.91 7.14
CA MET B 213 -3.36 -26.09 5.97
C MET B 213 -2.36 -26.78 5.03
N MET B 214 -1.27 -27.29 5.60
CA MET B 214 -0.26 -27.99 4.83
C MET B 214 -0.80 -29.22 4.10
N SER B 215 -1.74 -29.93 4.73
CA SER B 215 -2.25 -31.18 4.18
C SER B 215 -3.35 -30.94 3.15
N THR B 216 -4.01 -29.80 3.24
CA THR B 216 -5.14 -29.51 2.36
C THR B 216 -4.81 -28.68 1.12
N PHE B 217 -3.79 -27.83 1.20
CA PHE B 217 -3.42 -26.96 0.06
C PHE B 217 -2.84 -27.79 -1.09
N GLY B 218 -2.11 -28.85 -0.75
CA GLY B 218 -1.60 -29.79 -1.74
C GLY B 218 -2.71 -30.50 -2.50
N LYS B 219 -3.80 -30.82 -1.81
CA LYS B 219 -4.93 -31.51 -2.43
C LYS B 219 -5.71 -30.62 -3.41
N MET B 220 -5.26 -29.37 -3.53
CA MET B 220 -5.87 -28.41 -4.44
C MET B 220 -4.85 -27.91 -5.47
N MET B 221 -3.79 -28.68 -5.67
CA MET B 221 -2.72 -28.29 -6.58
C MET B 221 -2.91 -28.89 -7.96
N VAL B 222 -3.63 -30.01 -8.03
CA VAL B 222 -3.96 -30.67 -9.30
C VAL B 222 -5.37 -30.31 -9.72
N THR B 223 -6.36 -30.78 -8.97
CA THR B 223 -7.76 -30.43 -9.23
C THR B 223 -7.92 -28.99 -8.73
N PRO B 224 -8.20 -28.06 -9.66
CA PRO B 224 -7.95 -26.63 -9.45
C PRO B 224 -8.75 -25.99 -8.32
N VAL B 225 -8.16 -24.98 -7.70
CA VAL B 225 -8.76 -24.29 -6.56
C VAL B 225 -10.10 -23.62 -6.92
N GLU B 226 -10.21 -23.09 -8.14
CA GLU B 226 -11.47 -22.52 -8.65
C GLU B 226 -12.60 -23.54 -8.56
N LEU B 227 -12.25 -24.80 -8.78
CA LEU B 227 -13.21 -25.89 -8.72
C LEU B 227 -13.66 -26.15 -7.29
N HIS B 228 -12.71 -26.14 -6.36
CA HIS B 228 -13.02 -26.39 -4.97
C HIS B 228 -13.82 -25.26 -4.33
N LYS B 229 -13.53 -24.03 -4.76
CA LYS B 229 -14.24 -22.86 -4.28
C LYS B 229 -15.66 -22.80 -4.85
N ARG B 230 -15.76 -22.83 -6.18
CA ARG B 230 -17.05 -22.71 -6.87
C ARG B 230 -18.13 -23.67 -6.35
N LEU B 231 -17.72 -24.88 -6.00
CA LEU B 231 -18.67 -25.88 -5.48
C LEU B 231 -18.50 -26.18 -3.98
N ASN B 232 -17.69 -25.37 -3.30
CA ASN B 232 -17.57 -25.39 -1.82
C ASN B 232 -17.22 -26.74 -1.20
N THR B 233 -16.26 -27.44 -1.78
CA THR B 233 -15.85 -28.76 -1.29
C THR B 233 -15.39 -28.71 0.17
N LYS B 234 -15.35 -29.88 0.82
CA LYS B 234 -14.94 -29.97 2.21
C LYS B 234 -13.45 -29.69 2.39
N VAL B 235 -12.70 -29.84 1.29
CA VAL B 235 -11.27 -29.52 1.28
C VAL B 235 -11.07 -27.99 1.32
N TRP B 236 -11.90 -27.28 0.57
CA TRP B 236 -11.90 -25.83 0.56
C TRP B 236 -12.25 -25.23 1.92
N GLN B 237 -13.23 -25.83 2.58
CA GLN B 237 -13.70 -25.36 3.89
C GLN B 237 -12.64 -25.55 4.96
N ALA B 238 -11.98 -26.71 4.90
CA ALA B 238 -10.91 -27.03 5.85
C ALA B 238 -9.70 -26.10 5.66
N HIS B 239 -9.43 -25.74 4.41
CA HIS B 239 -8.32 -24.88 4.05
C HIS B 239 -8.61 -23.45 4.51
N THR B 240 -9.85 -23.01 4.33
CA THR B 240 -10.28 -21.67 4.74
C THR B 240 -10.29 -21.51 6.27
N LEU B 241 -10.81 -22.51 6.96
CA LEU B 241 -10.85 -22.50 8.41
C LEU B 241 -9.44 -22.51 8.97
N ALA B 242 -8.55 -23.25 8.31
CA ALA B 242 -7.16 -23.34 8.72
C ALA B 242 -6.41 -22.00 8.57
N TRP B 243 -6.57 -21.34 7.43
CA TRP B 243 -5.94 -20.04 7.23
C TRP B 243 -6.59 -18.94 8.08
N ASP B 244 -7.89 -19.07 8.34
CA ASP B 244 -8.60 -18.15 9.24
C ASP B 244 -7.93 -18.20 10.60
N THR B 245 -7.77 -19.43 11.11
CA THR B 245 -7.13 -19.64 12.41
C THR B 245 -5.70 -19.11 12.48
N ILE B 246 -4.91 -19.41 11.45
CA ILE B 246 -3.53 -18.92 11.35
C ILE B 246 -3.47 -17.41 11.44
N PHE B 247 -4.29 -16.72 10.64
CA PHE B 247 -4.37 -15.27 10.70
C PHE B 247 -4.92 -14.74 12.04
N LYS B 248 -5.87 -15.46 12.62
CA LYS B 248 -6.48 -15.06 13.90
C LYS B 248 -5.42 -14.99 14.99
N SER B 249 -4.46 -15.91 14.92
CA SER B 249 -3.41 -16.02 15.93
C SER B 249 -2.25 -15.05 15.72
N VAL B 250 -1.97 -14.72 14.46
CA VAL B 250 -0.82 -13.88 14.09
C VAL B 250 -1.09 -12.40 14.33
N LYS B 251 -2.31 -11.97 14.00
CA LYS B 251 -2.70 -10.56 14.07
C LYS B 251 -2.43 -9.82 15.41
N PRO B 252 -2.90 -10.37 16.53
CA PRO B 252 -2.67 -9.73 17.83
C PRO B 252 -1.20 -9.63 18.19
N CYS B 253 -0.42 -10.66 17.90
CA CYS B 253 1.01 -10.63 18.18
C CYS B 253 1.66 -9.49 17.43
N ILE B 254 1.38 -9.39 16.13
CA ILE B 254 1.89 -8.30 15.33
C ILE B 254 1.41 -6.93 15.81
N ASP B 255 0.12 -6.81 16.09
CA ASP B 255 -0.44 -5.56 16.63
C ASP B 255 0.23 -5.15 17.94
N ASN B 256 0.43 -6.10 18.85
CA ASN B 256 1.08 -5.82 20.12
C ASN B 256 2.47 -5.23 19.92
N ARG B 257 3.26 -5.84 19.03
CA ARG B 257 4.58 -5.31 18.71
C ARG B 257 4.50 -3.90 18.18
N LEU B 258 3.49 -3.62 17.36
CA LEU B 258 3.35 -2.31 16.75
C LEU B 258 2.91 -1.22 17.73
N GLN B 259 2.00 -1.55 18.65
CA GLN B 259 1.57 -0.57 19.66
C GLN B 259 2.58 -0.44 20.81
N ARG B 260 3.38 -1.48 21.02
CA ARG B 260 4.30 -1.54 22.17
C ARG B 260 5.61 -0.76 22.02
N TYR B 261 6.21 -0.81 20.82
CA TYR B 261 7.47 -0.10 20.55
C TYR B 261 7.35 1.07 19.56
N SER B 262 6.13 1.55 19.36
CA SER B 262 5.85 2.62 18.39
C SER B 262 6.71 3.90 18.54
N GLN B 263 6.68 4.53 19.72
CA GLN B 263 7.41 5.80 19.94
C GLN B 263 8.92 5.64 20.17
N GLN B 264 9.42 4.40 20.02
CA GLN B 264 10.83 4.10 20.26
C GLN B 264 11.49 3.64 18.95
N PRO B 265 11.90 4.61 18.11
CA PRO B 265 12.28 4.37 16.70
C PRO B 265 13.07 3.09 16.37
N GLY B 266 14.33 3.00 16.82
CA GLY B 266 15.22 1.91 16.40
C GLY B 266 15.21 0.67 17.29
N ALA B 267 14.16 0.53 18.09
CA ALA B 267 14.08 -0.57 19.05
C ALA B 267 13.62 -1.89 18.45
N ASP B 268 12.77 -1.82 17.43
CA ASP B 268 12.05 -3.00 16.93
C ASP B 268 11.97 -3.06 15.41
N PHE B 269 12.34 -4.18 14.83
CA PHE B 269 12.45 -4.26 13.37
C PHE B 269 11.12 -4.15 12.62
N LEU B 270 10.05 -4.66 13.24
CA LEU B 270 8.73 -4.60 12.63
C LEU B 270 8.16 -3.18 12.64
N CYS B 271 8.37 -2.47 13.75
CA CYS B 271 7.99 -1.06 13.84
C CYS B 271 8.78 -0.22 12.86
N ASP B 272 10.07 -0.49 12.73
CA ASP B 272 10.92 0.22 11.77
C ASP B 272 10.41 0.09 10.34
N ILE B 273 10.11 -1.15 9.93
CA ILE B 273 9.62 -1.40 8.58
C ILE B 273 8.32 -0.64 8.36
N TYR B 274 7.43 -0.72 9.34
CA TYR B 274 6.16 0.00 9.32
C TYR B 274 6.32 1.51 9.14
N GLN B 275 7.21 2.13 9.92
CA GLN B 275 7.45 3.58 9.83
C GLN B 275 8.27 4.01 8.61
N GLN B 276 9.39 3.34 8.37
CA GLN B 276 10.30 3.70 7.27
C GLN B 276 9.76 3.33 5.89
N ASP B 277 9.10 2.17 5.78
CA ASP B 277 8.72 1.65 4.47
C ASP B 277 7.22 1.75 4.18
N HIS B 278 6.44 2.20 5.16
CA HIS B 278 5.00 2.48 4.99
C HIS B 278 4.15 1.27 4.63
N LEU B 279 4.57 0.09 5.08
CA LEU B 279 3.81 -1.13 4.87
C LEU B 279 2.61 -1.10 5.81
N SER B 280 1.45 -1.54 5.35
CA SER B 280 0.27 -1.58 6.19
C SER B 280 0.30 -2.81 7.09
N LYS B 281 -0.54 -2.81 8.13
CA LYS B 281 -0.69 -3.99 8.99
C LYS B 281 -1.09 -5.25 8.22
N LYS B 282 -2.00 -5.09 7.27
CA LYS B 282 -2.43 -6.18 6.40
C LYS B 282 -1.19 -6.82 5.74
N GLU B 283 -0.32 -5.98 5.19
CA GLU B 283 0.90 -6.44 4.52
C GLU B 283 1.90 -7.13 5.45
N LEU B 284 2.04 -6.58 6.65
CA LEU B 284 2.90 -7.20 7.65
C LEU B 284 2.38 -8.57 8.07
N TYR B 285 1.06 -8.69 8.31
CA TYR B 285 0.47 -9.97 8.69
C TYR B 285 0.83 -11.04 7.64
N ALA B 286 0.65 -10.72 6.37
CA ALA B 286 0.92 -11.68 5.29
C ALA B 286 2.39 -12.00 5.17
N ALA B 287 3.22 -10.96 5.15
CA ALA B 287 4.67 -11.14 5.03
C ALA B 287 5.19 -11.95 6.21
N VAL B 288 4.76 -11.60 7.41
CA VAL B 288 5.25 -12.28 8.60
C VAL B 288 4.83 -13.73 8.73
N THR B 289 3.58 -14.05 8.38
CA THR B 289 3.15 -15.44 8.51
C THR B 289 3.85 -16.33 7.48
N GLU B 290 4.17 -15.76 6.33
CA GLU B 290 4.94 -16.48 5.31
C GLU B 290 6.40 -16.72 5.73
N LEU B 291 7.00 -15.73 6.39
CA LEU B 291 8.30 -15.89 6.99
C LEU B 291 8.32 -17.12 7.88
N GLN B 292 7.33 -17.24 8.74
CA GLN B 292 7.29 -18.31 9.72
C GLN B 292 7.02 -19.67 9.07
N LEU B 293 6.08 -19.72 8.13
CA LEU B 293 5.79 -20.96 7.43
C LEU B 293 7.02 -21.50 6.74
N ALA B 294 7.84 -20.60 6.18
CA ALA B 294 9.03 -21.01 5.47
C ALA B 294 10.21 -21.38 6.38
N ALA B 295 10.16 -20.94 7.62
CA ALA B 295 11.29 -21.05 8.52
C ALA B 295 11.31 -22.32 9.38
N VAL B 296 10.14 -22.74 9.81
CA VAL B 296 10.06 -23.74 10.87
C VAL B 296 10.59 -25.10 10.43
N GLU B 297 9.92 -25.74 9.49
CA GLU B 297 10.32 -27.08 9.06
C GLU B 297 11.70 -27.13 8.40
N THR B 298 12.01 -26.15 7.56
CA THR B 298 13.30 -26.12 6.87
C THR B 298 14.46 -26.06 7.87
N THR B 299 14.34 -25.21 8.87
CA THR B 299 15.39 -25.03 9.88
C THR B 299 15.60 -26.28 10.73
N ALA B 300 14.51 -26.82 11.28
CA ALA B 300 14.57 -28.07 12.06
C ALA B 300 15.19 -29.22 11.27
N ASN B 301 14.74 -29.37 10.03
CA ASN B 301 15.18 -30.42 9.13
C ASN B 301 16.66 -30.31 8.92
N SER B 302 17.12 -29.06 8.83
CA SER B 302 18.50 -28.79 8.59
C SER B 302 19.35 -29.12 9.83
N LEU B 303 18.76 -28.96 11.02
CA LEU B 303 19.45 -29.30 12.25
C LEU B 303 19.53 -30.81 12.35
N MET B 304 18.45 -31.48 11.94
CA MET B 304 18.41 -32.93 11.93
C MET B 304 19.56 -33.52 11.09
N TRP B 305 19.77 -32.97 9.90
CA TRP B 305 20.80 -33.49 9.00
C TRP B 305 22.23 -33.31 9.49
N ILE B 306 22.55 -32.14 10.03
CA ILE B 306 23.87 -31.92 10.61
C ILE B 306 24.11 -32.89 11.79
N LEU B 307 23.05 -33.22 12.52
CA LEU B 307 23.17 -34.15 13.63
C LEU B 307 23.46 -35.57 13.14
N TYR B 308 22.71 -36.01 12.13
CA TYR B 308 22.92 -37.31 11.55
C TYR B 308 24.32 -37.41 10.95
N ASN B 309 24.77 -36.33 10.32
CA ASN B 309 26.06 -36.33 9.68
C ASN B 309 27.18 -36.46 10.69
N LEU B 310 27.12 -35.65 11.74
CA LEU B 310 28.10 -35.70 12.81
C LEU B 310 28.22 -37.10 13.42
N SER B 311 27.10 -37.82 13.49
CA SER B 311 27.07 -39.13 14.13
C SER B 311 27.76 -40.23 13.32
N ARG B 312 27.85 -40.02 12.00
CA ARG B 312 28.50 -40.99 11.12
C ARG B 312 29.90 -40.56 10.71
N ASN B 313 30.36 -39.44 11.27
CA ASN B 313 31.67 -38.92 10.95
C ASN B 313 32.38 -38.49 12.23
N PRO B 314 32.73 -39.47 13.07
CA PRO B 314 33.25 -39.19 14.41
C PRO B 314 34.49 -38.32 14.43
N GLN B 315 35.36 -38.46 13.44
CA GLN B 315 36.54 -37.59 13.35
C GLN B 315 36.17 -36.11 13.30
N ALA B 316 35.21 -35.77 12.43
CA ALA B 316 34.76 -34.38 12.28
C ALA B 316 34.09 -33.87 13.55
N GLN B 317 33.25 -34.70 14.15
CA GLN B 317 32.58 -34.39 15.42
C GLN B 317 33.61 -34.13 16.49
N ARG B 318 34.64 -34.98 16.53
CA ARG B 318 35.77 -34.81 17.44
C ARG B 318 36.47 -33.48 17.21
N ARG B 319 36.70 -33.13 15.94
CA ARG B 319 37.33 -31.83 15.60
C ARG B 319 36.44 -30.63 15.91
N LEU B 320 35.12 -30.85 15.86
CA LEU B 320 34.15 -29.81 16.19
C LEU B 320 34.21 -29.56 17.69
N LEU B 321 33.94 -30.62 18.45
CA LEU B 321 34.01 -30.60 19.90
C LEU B 321 35.25 -29.87 20.40
N GLN B 322 36.36 -30.00 19.65
CA GLN B 322 37.59 -29.32 20.01
C GLN B 322 37.46 -27.83 19.87
N GLU B 323 36.88 -27.37 18.77
CA GLU B 323 36.75 -25.94 18.49
C GLU B 323 35.82 -25.25 19.51
N VAL B 324 34.74 -25.93 19.87
CA VAL B 324 33.78 -25.40 20.84
C VAL B 324 34.45 -25.25 22.21
N GLN B 325 35.07 -26.34 22.68
CA GLN B 325 35.77 -26.33 23.96
C GLN B 325 37.00 -25.43 23.97
N SER B 326 37.25 -24.75 22.86
CA SER B 326 38.41 -23.88 22.72
C SER B 326 38.09 -22.39 22.72
N VAL B 327 36.90 -22.04 22.23
CA VAL B 327 36.47 -20.63 22.22
C VAL B 327 35.44 -20.37 23.31
N LEU B 328 34.80 -21.44 23.77
CA LEU B 328 33.86 -21.35 24.88
C LEU B 328 34.27 -22.33 25.97
N PRO B 329 35.34 -22.00 26.71
CA PRO B 329 35.83 -22.88 27.77
C PRO B 329 34.80 -22.89 28.89
N ASP B 330 34.67 -24.01 29.59
CA ASP B 330 33.58 -24.22 30.55
C ASP B 330 32.32 -24.38 29.70
N ASN B 331 31.16 -24.49 30.35
CA ASN B 331 29.89 -24.43 29.63
C ASN B 331 29.49 -22.98 29.39
N GLN B 332 30.36 -22.27 28.69
CA GLN B 332 30.13 -20.86 28.38
C GLN B 332 28.94 -20.73 27.42
N THR B 333 28.26 -19.59 27.51
CA THR B 333 27.11 -19.32 26.65
C THR B 333 27.62 -18.72 25.35
N PRO B 334 27.27 -19.36 24.23
CA PRO B 334 27.69 -18.90 22.90
C PRO B 334 27.17 -17.50 22.60
N ARG B 335 27.83 -16.82 21.68
CA ARG B 335 27.48 -15.48 21.31
C ARG B 335 27.72 -15.29 19.82
N ALA B 336 27.00 -14.35 19.21
CA ALA B 336 27.12 -14.11 17.78
C ALA B 336 28.55 -13.75 17.40
N GLU B 337 29.19 -12.94 18.23
CA GLU B 337 30.56 -12.48 17.97
C GLU B 337 31.60 -13.60 18.09
N ASP B 338 31.24 -14.66 18.82
CA ASP B 338 32.13 -15.79 19.02
C ASP B 338 32.25 -16.68 17.79
N LEU B 339 31.23 -16.64 16.94
CA LEU B 339 31.18 -17.48 15.74
C LEU B 339 32.24 -17.09 14.71
N ARG B 340 32.77 -15.88 14.83
CA ARG B 340 33.84 -15.41 13.96
C ARG B 340 35.12 -16.23 14.15
N ASN B 341 35.20 -16.93 15.27
CA ASN B 341 36.36 -17.76 15.59
C ASN B 341 35.99 -19.23 15.62
N MET B 342 34.95 -19.59 14.87
CA MET B 342 34.56 -20.97 14.74
C MET B 342 34.31 -21.35 13.26
N PRO B 343 35.35 -21.21 12.42
CA PRO B 343 35.23 -21.52 10.99
C PRO B 343 34.79 -22.97 10.75
N TYR B 344 35.38 -23.90 11.48
CA TYR B 344 35.07 -25.32 11.34
C TYR B 344 33.62 -25.67 11.66
N LEU B 345 33.04 -24.95 12.62
CA LEU B 345 31.60 -25.07 12.92
C LEU B 345 30.77 -24.66 11.70
N LYS B 346 31.11 -23.50 11.15
CA LYS B 346 30.41 -22.98 9.99
C LYS B 346 30.55 -23.93 8.80
N ALA B 347 31.77 -24.39 8.56
CA ALA B 347 32.06 -25.34 7.49
C ALA B 347 31.33 -26.67 7.63
N CYS B 348 31.01 -27.06 8.86
CA CYS B 348 30.26 -28.31 9.10
C CYS B 348 28.83 -28.19 8.58
N LEU B 349 28.25 -27.00 8.73
CA LEU B 349 26.87 -26.75 8.29
C LEU B 349 26.81 -26.79 6.78
N LYS B 350 27.73 -26.06 6.13
CA LYS B 350 27.85 -26.07 4.68
C LYS B 350 28.02 -27.49 4.14
N GLU B 351 28.91 -28.24 4.76
CA GLU B 351 29.17 -29.61 4.34
C GLU B 351 27.93 -30.47 4.44
N SER B 352 27.20 -30.33 5.55
CA SER B 352 25.97 -31.08 5.75
C SER B 352 24.90 -30.73 4.70
N MET B 353 24.76 -29.44 4.42
CA MET B 353 23.83 -28.99 3.39
C MET B 353 24.21 -29.45 1.97
N ARG B 354 25.50 -29.60 1.70
CA ARG B 354 25.97 -30.15 0.43
C ARG B 354 25.55 -31.61 0.27
N LEU B 355 25.93 -32.46 1.24
CA LEU B 355 25.62 -33.89 1.18
C LEU B 355 24.16 -34.23 1.42
N THR B 356 23.52 -33.54 2.36
CA THR B 356 22.13 -33.84 2.73
C THR B 356 21.25 -32.58 2.82
N PRO B 357 20.98 -31.94 1.67
CA PRO B 357 20.18 -30.70 1.66
C PRO B 357 18.74 -30.94 2.14
N SER B 358 18.07 -29.88 2.60
CA SER B 358 16.66 -29.97 2.94
C SER B 358 15.78 -29.77 1.71
N VAL B 359 16.08 -28.72 0.95
CA VAL B 359 15.28 -28.32 -0.21
C VAL B 359 16.10 -28.62 -1.48
N PRO B 360 15.78 -29.71 -2.17
CA PRO B 360 16.58 -30.17 -3.29
C PRO B 360 16.44 -29.35 -4.58
N PHE B 361 15.32 -28.66 -4.75
CA PHE B 361 15.13 -27.85 -5.94
C PHE B 361 14.22 -26.63 -5.76
N THR B 362 14.39 -25.66 -6.64
CA THR B 362 13.45 -24.56 -6.76
C THR B 362 13.07 -24.40 -8.26
N THR B 363 12.23 -23.41 -8.55
CA THR B 363 11.72 -23.23 -9.92
C THR B 363 11.74 -21.77 -10.33
N ARG B 364 11.89 -21.55 -11.63
CA ARG B 364 11.75 -20.23 -12.22
C ARG B 364 10.88 -20.30 -13.47
N THR B 365 10.10 -19.25 -13.71
CA THR B 365 9.45 -19.06 -14.99
C THR B 365 10.16 -17.89 -15.66
N LEU B 366 10.74 -18.14 -16.83
CA LEU B 366 11.38 -17.07 -17.60
C LEU B 366 10.35 -16.02 -18.01
N ASP B 367 10.72 -14.75 -17.93
CA ASP B 367 9.87 -13.70 -18.51
C ASP B 367 10.50 -13.01 -19.72
N LYS B 368 11.56 -13.62 -20.25
CA LYS B 368 12.15 -13.20 -21.53
C LYS B 368 12.89 -14.40 -22.13
N PRO B 369 13.02 -14.44 -23.46
CA PRO B 369 13.76 -15.51 -24.12
C PRO B 369 15.19 -15.50 -23.64
N THR B 370 15.71 -16.68 -23.27
CA THR B 370 17.03 -16.76 -22.69
C THR B 370 17.80 -17.89 -23.35
N VAL B 371 19.11 -17.74 -23.46
CA VAL B 371 19.96 -18.79 -23.97
C VAL B 371 20.85 -19.30 -22.84
N LEU B 372 20.88 -20.61 -22.65
CA LEU B 372 21.79 -21.23 -21.69
C LEU B 372 22.07 -22.69 -22.03
N GLY B 373 23.33 -23.09 -21.88
CA GLY B 373 23.78 -24.42 -22.31
C GLY B 373 23.74 -24.49 -23.82
N GLU B 374 23.62 -23.34 -24.46
CA GLU B 374 23.53 -23.22 -25.92
C GLU B 374 22.18 -23.64 -26.51
N TYR B 375 21.16 -23.70 -25.66
CA TYR B 375 19.79 -23.86 -26.11
C TYR B 375 19.03 -22.55 -25.87
N ALA B 376 18.29 -22.09 -26.89
CA ALA B 376 17.45 -20.92 -26.76
C ALA B 376 16.10 -21.31 -26.17
N LEU B 377 15.79 -20.77 -25.00
CA LEU B 377 14.57 -21.10 -24.30
C LEU B 377 13.61 -19.94 -24.38
N PRO B 378 12.38 -20.20 -24.80
CA PRO B 378 11.37 -19.16 -24.97
C PRO B 378 10.83 -18.59 -23.66
N LYS B 379 10.27 -17.39 -23.73
CA LYS B 379 9.51 -16.81 -22.65
C LYS B 379 8.45 -17.81 -22.17
N GLY B 380 8.24 -17.87 -20.86
CA GLY B 380 7.22 -18.74 -20.29
C GLY B 380 7.72 -20.15 -19.96
N THR B 381 8.96 -20.44 -20.32
CA THR B 381 9.57 -21.73 -20.02
C THR B 381 9.73 -21.91 -18.51
N VAL B 382 9.26 -23.04 -18.01
CA VAL B 382 9.41 -23.39 -16.59
C VAL B 382 10.72 -24.14 -16.36
N LEU B 383 11.57 -23.59 -15.50
CA LEU B 383 12.84 -24.20 -15.16
C LEU B 383 12.80 -24.77 -13.76
N THR B 384 13.32 -25.99 -13.60
CA THR B 384 13.54 -26.55 -12.28
C THR B 384 15.05 -26.43 -12.06
N LEU B 385 15.41 -25.90 -10.91
CA LEU B 385 16.81 -25.69 -10.56
C LEU B 385 17.16 -26.75 -9.53
N ASN B 386 18.00 -27.70 -9.93
CA ASN B 386 18.32 -28.80 -9.06
C ASN B 386 19.59 -28.44 -8.34
N THR B 387 19.47 -28.08 -7.07
CA THR B 387 20.61 -27.63 -6.29
C THR B 387 21.26 -28.81 -5.57
N GLN B 388 20.45 -29.83 -5.28
CA GLN B 388 20.95 -31.07 -4.68
C GLN B 388 22.01 -31.75 -5.55
N VAL B 389 21.81 -31.69 -6.87
CA VAL B 389 22.68 -32.38 -7.80
C VAL B 389 24.07 -31.74 -7.92
N LEU B 390 24.14 -30.44 -7.63
CA LEU B 390 25.40 -29.70 -7.61
C LEU B 390 26.44 -30.24 -6.63
N GLY B 391 25.98 -30.81 -5.52
CA GLY B 391 26.87 -31.29 -4.48
C GLY B 391 27.42 -32.69 -4.73
N SER B 392 26.80 -33.41 -5.66
CA SER B 392 27.15 -34.80 -5.89
C SER B 392 28.25 -34.93 -6.92
N SER B 393 28.61 -33.82 -7.56
CA SER B 393 29.52 -33.89 -8.70
C SER B 393 30.97 -33.77 -8.31
N GLU B 394 31.74 -34.80 -8.64
CA GLU B 394 33.18 -34.84 -8.44
C GLU B 394 33.85 -33.66 -9.16
N ASP B 395 33.19 -33.16 -10.19
CA ASP B 395 33.66 -32.00 -10.93
C ASP B 395 33.74 -30.76 -10.04
N ASN B 396 32.79 -30.65 -9.10
CA ASN B 396 32.72 -29.49 -8.22
C ASN B 396 33.39 -29.71 -6.85
N PHE B 397 33.38 -30.95 -6.39
CA PHE B 397 33.89 -31.28 -5.06
C PHE B 397 34.70 -32.57 -5.06
N GLU B 398 35.96 -32.46 -4.69
CA GLU B 398 36.86 -33.61 -4.61
C GLU B 398 36.31 -34.60 -3.58
N ASP B 399 36.12 -35.85 -3.99
CA ASP B 399 35.50 -36.87 -3.14
C ASP B 399 34.11 -36.43 -2.70
N SER B 400 33.21 -36.30 -3.67
CA SER B 400 31.84 -35.83 -3.43
C SER B 400 31.15 -36.54 -2.27
N HIS B 401 31.24 -37.87 -2.27
CA HIS B 401 30.52 -38.71 -1.34
C HIS B 401 30.99 -38.54 0.13
N LYS B 402 32.07 -37.81 0.33
CA LYS B 402 32.74 -37.76 1.62
C LYS B 402 32.40 -36.50 2.43
N PHE B 403 32.01 -36.68 3.69
CA PHE B 403 31.74 -35.56 4.60
C PHE B 403 33.07 -34.95 5.07
N ARG B 404 33.53 -33.93 4.37
CA ARG B 404 34.78 -33.28 4.72
C ARG B 404 34.63 -31.76 4.83
N PRO B 405 34.25 -31.27 6.02
CA PRO B 405 34.13 -29.83 6.28
C PRO B 405 35.41 -29.09 5.93
N GLU B 406 36.53 -29.80 6.02
CA GLU B 406 37.86 -29.25 5.71
C GLU B 406 37.93 -28.61 4.33
N ARG B 407 37.12 -29.11 3.40
CA ARG B 407 37.11 -28.61 2.02
C ARG B 407 36.74 -27.13 1.91
N TRP B 408 36.03 -26.62 2.92
CA TRP B 408 35.58 -25.22 2.93
C TRP B 408 36.66 -24.29 3.43
N LEU B 409 37.74 -24.86 3.97
CA LEU B 409 38.77 -24.10 4.64
C LEU B 409 40.10 -23.99 3.89
N GLN B 410 40.33 -24.89 2.94
CA GLN B 410 41.60 -24.93 2.22
C GLN B 410 41.67 -23.96 1.05
N LYS B 411 42.76 -23.22 0.94
CA LYS B 411 42.91 -22.18 -0.10
C LYS B 411 43.38 -22.74 -1.46
N GLU B 412 44.03 -23.90 -1.42
CA GLU B 412 44.65 -24.50 -2.62
C GLU B 412 43.69 -25.06 -3.67
N LYS B 413 42.39 -24.97 -3.39
CA LYS B 413 41.36 -25.47 -4.30
C LYS B 413 40.01 -24.82 -3.98
N LYS B 414 39.68 -23.76 -4.71
CA LYS B 414 38.51 -22.96 -4.38
C LYS B 414 37.21 -23.51 -4.97
N ILE B 415 36.20 -23.61 -4.12
CA ILE B 415 34.86 -24.05 -4.53
C ILE B 415 34.12 -22.97 -5.32
N ASN B 416 33.53 -23.36 -6.44
CA ASN B 416 32.67 -22.48 -7.20
C ASN B 416 31.42 -22.15 -6.38
N PRO B 417 31.14 -20.86 -6.18
CA PRO B 417 29.97 -20.42 -5.40
C PRO B 417 28.65 -20.94 -5.98
N PHE B 418 28.63 -21.19 -7.29
CA PHE B 418 27.45 -21.74 -7.93
C PHE B 418 27.30 -23.25 -7.84
N ALA B 419 28.20 -23.90 -7.11
CA ALA B 419 28.10 -25.34 -6.89
C ALA B 419 27.45 -25.68 -5.56
N HIS B 420 27.09 -24.65 -4.80
CA HIS B 420 26.52 -24.83 -3.48
C HIS B 420 25.44 -23.81 -3.23
N LEU B 421 24.20 -24.18 -3.51
CA LEU B 421 23.09 -23.23 -3.44
C LEU B 421 21.90 -23.77 -2.63
N PRO B 422 22.14 -24.18 -1.39
CA PRO B 422 21.06 -24.71 -0.55
C PRO B 422 19.95 -23.68 -0.24
N PHE B 423 20.26 -22.39 -0.41
CA PHE B 423 19.27 -21.33 -0.13
C PHE B 423 18.81 -20.64 -1.40
N GLY B 424 18.95 -21.35 -2.51
CA GLY B 424 18.57 -20.81 -3.80
C GLY B 424 19.60 -19.84 -4.30
N ILE B 425 19.18 -18.99 -5.23
CA ILE B 425 20.09 -18.16 -6.01
C ILE B 425 19.47 -16.82 -6.39
N GLY B 426 20.26 -15.77 -6.38
CA GLY B 426 19.84 -14.46 -6.91
C GLY B 426 18.98 -13.61 -6.00
N LYS B 427 18.27 -12.64 -6.59
CA LYS B 427 17.47 -11.67 -5.83
C LYS B 427 16.30 -12.30 -5.07
N ARG B 428 15.82 -13.43 -5.56
CA ARG B 428 14.69 -14.09 -4.95
C ARG B 428 15.14 -15.39 -4.25
N MET B 429 16.43 -15.46 -3.91
CA MET B 429 16.92 -16.52 -3.00
C MET B 429 16.35 -16.35 -1.56
N CYS B 430 16.60 -17.32 -0.69
CA CYS B 430 16.07 -17.28 0.69
C CYS B 430 16.39 -15.99 1.41
N ILE B 431 15.36 -15.36 1.98
CA ILE B 431 15.54 -14.13 2.74
C ILE B 431 15.93 -14.45 4.17
N GLY B 432 15.75 -15.70 4.58
CA GLY B 432 15.98 -16.12 5.96
C GLY B 432 17.33 -16.79 6.21
N ARG B 433 18.16 -16.83 5.17
CA ARG B 433 19.47 -17.49 5.22
C ARG B 433 20.28 -17.17 6.49
N ARG B 434 20.57 -15.89 6.69
CA ARG B 434 21.43 -15.48 7.78
C ARG B 434 20.79 -15.75 9.14
N LEU B 435 19.48 -15.56 9.23
CA LEU B 435 18.75 -15.93 10.43
C LEU B 435 18.77 -17.45 10.66
N ALA B 436 18.59 -18.22 9.60
CA ALA B 436 18.58 -19.68 9.72
C ALA B 436 19.97 -20.16 10.18
N GLU B 437 21.00 -19.59 9.57
CA GLU B 437 22.37 -19.92 9.90
C GLU B 437 22.79 -19.60 11.33
N LEU B 438 22.31 -18.47 11.85
CA LEU B 438 22.59 -18.09 13.22
C LEU B 438 21.95 -19.07 14.18
N GLN B 439 20.73 -19.48 13.89
CA GLN B 439 20.02 -20.41 14.76
C GLN B 439 20.74 -21.75 14.82
N LEU B 440 21.21 -22.19 13.67
CA LEU B 440 21.83 -23.51 13.54
C LEU B 440 23.25 -23.55 14.11
N HIS B 441 24.01 -22.48 13.86
CA HIS B 441 25.34 -22.34 14.45
C HIS B 441 25.27 -22.37 15.97
N LEU B 442 24.33 -21.59 16.53
CA LEU B 442 24.17 -21.53 17.98
C LEU B 442 23.62 -22.83 18.52
N ALA B 443 22.72 -23.45 17.77
CA ALA B 443 22.19 -24.76 18.17
C ALA B 443 23.32 -25.75 18.36
N LEU B 444 24.22 -25.80 17.38
CA LEU B 444 25.35 -26.72 17.40
C LEU B 444 26.25 -26.54 18.62
N CYS B 445 26.66 -25.30 18.88
CA CYS B 445 27.37 -24.97 20.11
C CYS B 445 26.69 -25.61 21.31
N TRP B 446 25.42 -25.29 21.54
CA TRP B 446 24.70 -25.84 22.67
C TRP B 446 24.71 -27.37 22.68
N ILE B 447 24.26 -27.99 21.60
CA ILE B 447 24.16 -29.45 21.54
C ILE B 447 25.53 -30.16 21.70
N ILE B 448 26.58 -29.56 21.15
CA ILE B 448 27.91 -30.14 21.23
C ILE B 448 28.54 -29.96 22.62
N GLN B 449 28.32 -28.80 23.24
CA GLN B 449 28.76 -28.57 24.61
C GLN B 449 28.27 -29.69 25.53
N LYS B 450 26.96 -29.95 25.48
CA LYS B 450 26.34 -30.88 26.40
C LYS B 450 26.57 -32.33 26.00
N TYR B 451 26.42 -32.63 24.71
CA TYR B 451 26.35 -34.01 24.26
C TYR B 451 27.37 -34.40 23.22
N ASP B 452 27.58 -35.71 23.10
CA ASP B 452 28.24 -36.29 21.95
C ASP B 452 27.14 -37.00 21.19
N ILE B 453 27.07 -36.76 19.89
CA ILE B 453 26.08 -37.44 19.06
C ILE B 453 26.70 -38.74 18.59
N VAL B 454 25.99 -39.83 18.82
CA VAL B 454 26.50 -41.17 18.49
C VAL B 454 25.48 -41.97 17.68
N ALA B 455 25.95 -42.61 16.61
CA ALA B 455 25.10 -43.47 15.79
C ALA B 455 24.76 -44.74 16.54
N THR B 456 23.50 -45.14 16.49
CA THR B 456 23.07 -46.38 17.14
C THR B 456 23.16 -47.55 16.17
N ASP B 457 23.43 -47.25 14.90
CA ASP B 457 23.61 -48.29 13.88
C ASP B 457 24.45 -47.78 12.71
N ASN B 458 24.61 -48.60 11.69
CA ASN B 458 25.29 -48.20 10.48
C ASN B 458 24.48 -48.57 9.24
N GLU B 459 23.27 -49.09 9.46
CA GLU B 459 22.33 -49.41 8.39
C GLU B 459 22.02 -48.17 7.52
N PRO B 460 21.62 -48.40 6.26
CA PRO B 460 21.35 -47.29 5.34
C PRO B 460 20.22 -46.39 5.84
N VAL B 461 20.28 -45.11 5.50
CA VAL B 461 19.18 -44.19 5.75
C VAL B 461 18.71 -43.62 4.41
N GLU B 462 17.50 -43.98 4.01
CA GLU B 462 16.88 -43.46 2.80
C GLU B 462 16.34 -42.07 3.07
N MET B 463 16.45 -41.19 2.08
CA MET B 463 15.78 -39.90 2.11
C MET B 463 14.53 -39.97 1.25
N LEU B 464 13.41 -39.51 1.82
CA LEU B 464 12.16 -39.39 1.06
C LEU B 464 11.85 -37.92 0.83
N HIS B 465 11.07 -37.62 -0.21
CA HIS B 465 10.67 -36.26 -0.48
C HIS B 465 9.23 -35.99 -0.05
N LEU B 466 9.07 -35.47 1.16
CA LEU B 466 7.76 -35.11 1.70
C LEU B 466 7.73 -33.60 1.94
N GLY B 467 7.67 -32.85 0.85
CA GLY B 467 7.74 -31.38 0.91
C GLY B 467 9.17 -30.92 1.13
N ILE B 468 9.97 -31.78 1.75
CA ILE B 468 11.33 -31.47 2.12
C ILE B 468 11.97 -32.85 2.29
N LEU B 469 13.30 -32.91 2.24
CA LEU B 469 13.99 -34.18 2.36
C LEU B 469 14.10 -34.69 3.80
N VAL B 470 13.55 -35.88 4.06
CA VAL B 470 13.48 -36.46 5.41
C VAL B 470 13.81 -37.96 5.39
N PRO B 471 14.28 -38.51 6.51
CA PRO B 471 14.61 -39.94 6.61
C PRO B 471 13.37 -40.85 6.56
N SER B 472 13.54 -42.03 5.99
CA SER B 472 12.43 -43.02 5.91
C SER B 472 12.14 -43.66 7.27
N ARG B 473 13.13 -43.64 8.15
CA ARG B 473 13.00 -44.26 9.45
C ARG B 473 13.47 -43.30 10.54
N GLU B 474 12.96 -43.50 11.75
CA GLU B 474 13.44 -42.74 12.92
C GLU B 474 14.95 -42.70 12.85
N LEU B 475 15.51 -41.50 13.00
CA LEU B 475 16.95 -41.32 12.88
C LEU B 475 17.71 -42.16 13.90
N PRO B 476 18.72 -42.91 13.43
CA PRO B 476 19.50 -43.79 14.29
C PRO B 476 20.57 -43.03 15.06
N ILE B 477 20.15 -42.21 16.01
CA ILE B 477 21.09 -41.47 16.85
C ILE B 477 20.72 -41.41 18.33
N ALA B 478 21.71 -41.07 19.15
CA ALA B 478 21.53 -40.98 20.59
C ALA B 478 22.45 -39.89 21.15
N PHE B 479 22.10 -39.42 22.35
CA PHE B 479 22.81 -38.29 22.95
C PHE B 479 23.47 -38.66 24.28
N ARG B 480 24.79 -38.64 24.29
CA ARG B 480 25.58 -38.99 25.47
C ARG B 480 26.18 -37.75 26.13
N PRO B 481 25.87 -37.53 27.40
CA PRO B 481 26.40 -36.37 28.15
C PRO B 481 27.91 -36.45 28.39
N ARG B 482 28.52 -35.30 28.65
CA ARG B 482 29.98 -35.17 28.80
C ARG B 482 30.47 -35.55 30.21
CHA HEM C . -17.49 27.69 -8.26
CHB HEM C . -14.02 24.51 -6.86
CHC HEM C . -12.31 27.88 -3.78
CHD HEM C . -16.06 30.86 -5.17
C1A HEM C . -16.69 26.45 -8.06
C2A HEM C . -16.84 25.19 -8.87
C3A HEM C . -15.77 24.45 -8.61
C4A HEM C . -15.05 25.08 -7.46
CMA HEM C . -15.49 23.07 -9.14
CAA HEM C . -17.86 25.00 -9.98
CBA HEM C . -17.23 25.38 -11.33
CGA HEM C . -18.04 24.92 -12.53
O1A HEM C . -17.52 25.01 -13.64
O2A HEM C . -19.28 24.43 -12.43
C1B HEM C . -13.17 25.23 -5.88
C2B HEM C . -12.24 24.58 -5.19
C3B HEM C . -11.58 25.61 -4.32
C4B HEM C . -12.42 26.82 -4.55
CMB HEM C . -11.64 23.27 -5.61
CAB HEM C . -10.86 25.39 -3.22
CBB HEM C . -9.40 25.02 -3.29
C1C HEM C . -13.08 29.10 -4.04
C2C HEM C . -12.87 30.26 -3.43
C3C HEM C . -14.05 31.08 -3.79
C4C HEM C . -14.76 30.36 -4.64
CMC HEM C . -11.56 30.81 -2.90
CAC HEM C . -14.31 32.47 -3.29
CBC HEM C . -13.40 33.43 -3.42
C1D HEM C . -16.69 30.29 -6.16
C2D HEM C . -18.06 30.71 -6.57
C3D HEM C . -18.47 29.82 -7.47
C4D HEM C . -17.49 28.71 -7.41
CMD HEM C . -18.78 31.98 -6.13
CAD HEM C . -19.58 29.99 -8.51
CBD HEM C . -19.14 30.86 -9.69
CGD HEM C . -20.29 31.17 -10.64
O1D HEM C . -20.22 32.10 -11.43
O2D HEM C . -21.39 30.43 -10.65
NA HEM C . -15.64 26.21 -7.08
NB HEM C . -13.48 26.38 -5.27
NC HEM C . -14.26 29.11 -4.71
ND HEM C . -16.50 29.04 -6.58
FE HEM C . -14.93 27.82 -6.12
C1 CPS D . -19.24 23.61 -6.86
C2 CPS D . -20.27 24.42 -6.04
C3 CPS D . -19.19 23.55 -3.89
C4 CPS D . -19.43 22.89 -2.52
C5 CPS D . -20.43 23.72 -1.68
C6 CPS D . -21.75 23.80 -2.49
C7 CPS D . -22.72 24.47 -1.53
C8 CPS D . -22.42 23.67 -0.26
C9 CPS D . -21.03 23.00 -0.46
C10 CPS D . -19.78 25.06 -1.29
C11 CPS D . -19.67 25.84 -5.83
C12 CPS D . -19.80 22.30 -7.43
C13 CPS D . -21.03 22.55 -8.30
C14 CPS D . -22.10 23.33 -7.52
C15 CPS D . -21.58 24.60 -6.83
C16 CPS D . -22.72 25.24 -5.99
C17 CPS D . -22.91 24.63 -4.60
C18 CPS D . -21.57 24.51 -3.84
C19 CPS D . -20.51 23.74 -4.67
C20 CPS D . -20.16 23.01 0.81
C21 CPS D . -18.86 22.20 0.71
C22 CPS D . -20.95 22.56 2.04
C23 CPS D . -21.24 21.05 2.07
C24 CPS D . -21.85 20.71 3.41
C25 CPS D . -21.33 20.55 5.81
C26 CPS D . -20.46 19.31 5.96
C27 CPS D . -20.36 18.85 7.43
C28 CPS D . -19.00 16.93 6.68
C29 CPS D . -19.42 17.28 9.02
C30 CPS D . -17.87 18.78 7.76
C31 CPS D . -17.85 20.09 8.57
C32 CPS D . -16.42 20.50 8.94
N1 CPS D . -21.13 21.02 4.44
N2 CPS D . -19.16 18.00 7.72
O1 CPS D . -23.06 20.15 3.41
O2 CPS D . -21.58 21.27 -8.65
O3 CPS D . -23.60 23.36 -4.67
O4 CPS D . -19.89 21.53 -2.70
O2S CPS D . -14.74 22.42 10.05
O3S CPS D . -17.44 22.97 9.81
O1S CPS D . -16.51 21.11 11.67
S CPS D . -16.30 21.75 10.10
C1 CPS E . -27.42 12.95 -6.49
C2 CPS E . -28.76 13.22 -5.79
C3 CPS E . -29.42 14.85 -7.66
C4 CPS E . -30.00 16.22 -8.05
C5 CPS E . -31.33 16.53 -7.34
C6 CPS E . -31.07 16.40 -5.81
C7 CPS E . -32.39 16.93 -5.25
C8 CPS E . -32.54 18.22 -6.06
C9 CPS E . -31.77 18.02 -7.37
C10 CPS E . -32.47 15.60 -7.83
C11 CPS E . -29.71 12.15 -6.33
C12 CPS E . -26.25 13.75 -5.93
C13 CPS E . -26.07 13.44 -4.44
C14 CPS E . -27.36 13.70 -3.65
C15 CPS E . -28.61 13.03 -4.27
C16 CPS E . -29.87 13.45 -3.46
C17 CPS E . -30.49 14.80 -3.86
C18 CPS E . -30.62 14.98 -5.40
C19 CPS E . -29.28 14.64 -6.14
C20 CPS E . -32.59 18.54 -8.59
C21 CPS E . -31.96 18.25 -9.95
C22 CPS E . -32.85 20.07 -8.48
C23 CPS E . -33.30 20.77 -9.77
C24 CPS E . -34.78 20.57 -10.03
C25 CPS E . -36.28 20.22 -11.93
C26 CPS E . -35.78 20.60 -13.34
C27 CPS E . -36.90 20.79 -14.38
N1 CPS E . -35.10 19.94 -11.12
O1 CPS E . -35.63 21.03 -9.12
O2 CPS E . -25.05 14.32 -3.95
O3 CPS E . -29.75 15.87 -3.26
O4 CPS E . -29.02 17.23 -7.81
C1 CPS F . -51.44 14.75 -3.99
C2 CPS F . -50.25 15.06 -3.06
C3 CPS F . -51.92 15.54 -1.13
C4 CPS F . -52.35 16.60 -0.11
C5 CPS F . -51.24 16.84 0.95
C6 CPS F . -49.97 17.29 0.19
C7 CPS F . -49.00 17.53 1.35
C8 CPS F . -49.90 18.25 2.35
C9 CPS F . -51.32 18.17 1.75
C10 CPS F . -51.05 15.61 1.85
C11 CPS F . -49.77 13.71 -2.51
C12 CPS F . -51.83 15.89 -4.95
C13 CPS F . -50.62 16.31 -5.80
C14 CPS F . -49.50 16.79 -4.86
C15 CPS F . -49.09 15.69 -3.86
C16 CPS F . -47.95 16.21 -2.97
C17 CPS F . -48.40 17.05 -1.76
C18 CPS F . -49.52 16.36 -0.95
C19 CPS F . -50.68 16.01 -1.91
C20 CPS F . -52.43 18.39 2.81
C21 CPS F . -53.87 18.14 2.30
C22 CPS F . -52.37 19.82 3.39
C23 CPS F . -53.26 20.02 4.62
C24 CPS F . -52.46 20.52 5.81
C25 CPS F . -51.02 18.80 6.79
C26 CPS F . -51.52 17.40 7.20
C27 CPS F . -50.61 16.72 8.23
N1 CPS F . -52.21 19.67 6.75
O1 CPS F . -52.09 21.79 5.80
O2 CPS F . -50.99 17.37 -6.67
O3 CPS F . -48.83 18.35 -2.18
O4 CPS F . -52.68 17.81 -0.80
CHA HEM G . 12.92 -18.94 0.11
CHB HEM G . 15.89 -22.52 1.71
CHC HEM G . 15.03 -21.16 6.32
CHD HEM G . 11.96 -17.69 4.54
C1A HEM G . 13.76 -20.18 0.17
C2A HEM G . 14.32 -20.90 -1.02
C3A HEM G . 14.92 -21.99 -0.54
C4A HEM G . 15.04 -21.85 0.95
CMA HEM G . 15.74 -22.96 -1.36
CAA HEM G . 13.98 -20.60 -2.47
CBA HEM G . 14.93 -19.55 -3.04
CGA HEM G . 14.90 -19.56 -4.56
O1A HEM G . 13.86 -19.80 -5.19
O2A HEM G . 16.00 -19.28 -5.24
C1B HEM G . 15.90 -22.47 3.20
C2B HEM G . 16.59 -23.34 3.96
C3B HEM G . 16.42 -22.93 5.38
C4B HEM G . 15.33 -21.92 5.29
CMB HEM G . 17.34 -24.58 3.50
CAB HEM G . 16.74 -23.60 6.48
CBB HEM G . 18.17 -23.87 6.85
C1C HEM G . 14.34 -19.87 6.17
C2C HEM G . 14.03 -19.11 7.21
C3C HEM G . 13.21 -18.01 6.66
C4C HEM G . 13.00 -18.35 5.38
CMC HEM G . 14.66 -19.13 8.59
CAC HEM G . 12.42 -17.06 7.50
CBC HEM G . 12.99 -16.08 8.19
C1D HEM G . 11.90 -17.82 3.23
C2D HEM G . 11.04 -16.97 2.34
C3D HEM G . 11.30 -17.36 1.09
C4D HEM G . 12.33 -18.43 1.18
CMD HEM G . 10.02 -15.92 2.78
CAD HEM G . 10.81 -16.70 -0.18
CBD HEM G . 11.62 -15.43 -0.41
CGD HEM G . 11.13 -14.66 -1.60
O1D HEM G . 11.46 -13.49 -1.75
O2D HEM G . 10.36 -15.23 -2.53
NA HEM G . 14.22 -20.88 1.36
NB HEM G . 15.15 -21.66 3.97
NC HEM G . 13.69 -19.46 5.09
ND HEM G . 12.73 -18.53 2.45
FE HEM G . 14.05 -19.90 3.13
C1 CPS H . 11.44 -23.09 -1.61
C2 CPS H . 10.04 -22.70 -1.11
C3 CPS H . 10.20 -24.41 0.78
C4 CPS H . 9.51 -25.51 1.60
C5 CPS H . 8.08 -25.09 2.05
C6 CPS H . 7.29 -24.71 0.78
C7 CPS H . 5.88 -24.54 1.33
C8 CPS H . 5.75 -25.81 2.17
C9 CPS H . 7.18 -26.26 2.50
C10 CPS H . 8.16 -23.98 3.11
C11 CPS H . 10.26 -21.54 -0.13
C12 CPS H . 11.47 -24.07 -2.78
C13 CPS H . 10.64 -23.60 -3.97
C14 CPS H . 9.23 -23.20 -3.52
C15 CPS H . 9.20 -22.23 -2.32
C16 CPS H . 7.74 -21.90 -1.96
C17 CPS H . 7.05 -22.98 -1.11
C18 CPS H . 7.92 -23.50 0.06
C19 CPS H . 9.36 -23.88 -0.39
C20 CPS H . 7.34 -26.69 3.96
C21 CPS H . 8.72 -27.25 4.32
C22 CPS H . 6.25 -27.69 4.38
C23 CPS H . 6.45 -29.13 3.88
C24 CPS H . 5.25 -29.95 4.29
C25 CPS H . 4.09 -31.09 6.10
C26 CPS H . 4.52 -32.56 6.20
C27 CPS H . 3.55 -33.42 7.04
C28 CPS H . 4.33 -35.34 5.68
C29 CPS H . 2.52 -35.63 7.21
C30 CPS H . 4.84 -35.31 8.05
C31 CPS H . 4.34 -35.31 9.50
C32 CPS H . 5.50 -35.26 10.51
N1 CPS H . 5.20 -30.33 5.51
N2 CPS H . 3.82 -34.90 7.01
O1 CPS H . 4.35 -30.20 3.34
O2 CPS H . 10.51 -24.73 -4.85
O3 CPS H . 6.66 -24.07 -1.96
O4 CPS H . 9.45 -26.75 0.88
O2S CPS H . 4.77 -32.64 11.17
O3S CPS H . 7.04 -33.75 12.28
O1S CPS H . 6.99 -33.12 9.57
S CPS H . 6.07 -33.69 10.89
C1 CPS I . 1.64 -29.64 -10.78
C2 CPS I . 2.74 -30.71 -10.94
C3 CPS I . 1.03 -32.47 -10.18
C4 CPS I . 0.73 -33.68 -9.29
C5 CPS I . 1.70 -34.83 -9.59
C6 CPS I . 3.15 -34.32 -9.37
C7 CPS I . 3.97 -35.60 -9.54
C8 CPS I . 3.11 -36.66 -8.84
C9 CPS I . 1.77 -35.97 -8.53
C10 CPS I . 1.44 -35.42 -11.00
C11 CPS I . 2.65 -31.12 -12.42
C12 CPS I . 1.81 -28.64 -9.64
C13 CPS I . 3.21 -28.02 -9.68
C14 CPS I . 4.23 -29.15 -9.48
C15 CPS I . 4.16 -30.13 -10.66
C16 CPS I . 5.28 -31.20 -10.52
C17 CPS I . 4.90 -32.48 -9.75
C18 CPS I . 3.53 -33.05 -10.18
C19 CPS I . 2.47 -31.93 -10.02
C20 CPS I . 0.55 -36.94 -8.43
C21 CPS I . -0.77 -36.28 -7.99
C22 CPS I . 0.83 -38.17 -7.54
C23 CPS I . 0.91 -37.86 -6.04
C24 CPS I . 1.42 -39.04 -5.24
C25 CPS I . 0.43 -38.66 -3.05
C26 CPS I . -0.17 -39.61 -2.00
C27 CPS I . -0.06 -39.07 -0.57
N1 CPS I . 0.68 -39.45 -4.27
O1 CPS I . 2.58 -39.60 -5.60
O2 CPS I . 3.34 -27.06 -8.63
O3 CPS I . 4.93 -32.20 -8.34
O4 CPS I . 0.79 -33.28 -7.90
C1 CPS J . -14.44 -25.97 -16.49
C2 CPS J . -14.42 -25.91 -14.96
C3 CPS J . -16.93 -26.54 -14.92
C4 CPS J . -18.32 -26.26 -14.34
C5 CPS J . -18.28 -26.36 -12.80
C6 CPS J . -17.26 -25.31 -12.28
C7 CPS J . -17.46 -25.44 -10.76
C8 CPS J . -18.98 -25.46 -10.64
C9 CPS J . -19.50 -25.76 -12.05
C10 CPS J . -17.96 -27.80 -12.35
C11 CPS J . -13.97 -27.29 -14.48
C12 CPS J . -14.58 -24.60 -17.18
C13 CPS J . -13.43 -23.70 -16.76
C14 CPS J . -13.46 -23.50 -15.24
C15 CPS J . -13.40 -24.85 -14.48
C16 CPS J . -13.44 -24.58 -12.96
C17 CPS J . -14.86 -24.40 -12.39
C18 CPS J . -15.82 -25.51 -12.84
C19 CPS J . -15.84 -25.59 -14.39
C20 CPS J . -20.82 -26.57 -12.16
C21 CPS J . -21.89 -25.75 -12.89
C22 CPS J . -21.37 -27.10 -10.81
C23 CPS J . -22.22 -28.38 -10.98
C24 CPS J . -22.17 -29.26 -9.75
C25 CPS J . -22.19 -31.68 -9.91
C26 CPS J . -21.23 -32.69 -9.27
C27 CPS J . -21.33 -34.10 -9.86
N1 CPS J . -21.54 -30.38 -9.85
O1 CPS J . -22.78 -28.82 -8.64
O2 CPS J . -13.54 -22.42 -17.42
O3 CPS J . -15.36 -23.11 -12.73
O4 CPS J . -18.79 -24.97 -14.77
#